data_9HTZ
#
_entry.id   9HTZ
#
_cell.length_a   61.070
_cell.length_b   123.637
_cell.length_c   138.646
_cell.angle_alpha   90.00
_cell.angle_beta   90.00
_cell.angle_gamma   90.00
#
_symmetry.space_group_name_H-M   'P 2 21 21'
#
loop_
_entity.id
_entity.type
_entity.pdbx_description
1 polymer 'Phosphatase PAP2 family protein'
2 non-polymer 'ACETATE ION'
3 non-polymer 1,2-ETHANEDIOL
4 non-polymer GLYCEROL
5 non-polymer DI(HYDROXYETHYL)ETHER
6 non-polymer 'SULFATE ION'
7 water water
#
_entity_poly.entity_id   1
_entity_poly.type   'polypeptide(L)'
_entity_poly.pdbx_seq_one_letter_code
;MKKIPEPFAVTLSLAGLLWSAWALAEDAATKVTDPHFKLAPGYLEPADLPVRLALLGAPPKPGSAALARDEEARRAALAL
RGSSREKLAATDAELSFPGPAKTFSCALGTQISEKSTPHLYTLMQRTLTDAGGSTYAGKNAYNRTRPFVVHDEGTCRKDM
EPLLRTDGSWPSGHSAAGWAWGLVLAEISPARATELMTRGLAYGQSRVICDAHWQSDVDAGRIMGAATVASLHGNPAFLA
DLAAAKEEVKAAQQAGLKPAEDCAAEGVALGLTQ
;
_entity_poly.pdbx_strand_id   A,B,C,D
#
loop_
_chem_comp.id
_chem_comp.type
_chem_comp.name
_chem_comp.formula
ACT non-polymer 'ACETATE ION' 'C2 H3 O2 -1'
EDO non-polymer 1,2-ETHANEDIOL 'C2 H6 O2'
GOL non-polymer GLYCEROL 'C3 H8 O3'
PEG non-polymer DI(HYDROXYETHYL)ETHER 'C4 H10 O3'
SO4 non-polymer 'SULFATE ION' 'O4 S -2'
#
# COMPACT_ATOMS: atom_id res chain seq x y z
N LYS A 38 20.87 -3.88 -6.65
CA LYS A 38 19.83 -3.46 -7.57
C LYS A 38 18.83 -4.57 -7.84
N LEU A 39 19.35 -5.74 -8.20
CA LEU A 39 18.52 -6.88 -8.61
C LEU A 39 18.75 -8.04 -7.65
N ALA A 40 17.66 -8.66 -7.20
CA ALA A 40 17.74 -9.86 -6.40
C ALA A 40 18.15 -11.05 -7.27
N PRO A 41 18.71 -12.10 -6.68
CA PRO A 41 18.95 -13.32 -7.44
C PRO A 41 17.66 -13.93 -7.92
N GLY A 42 17.61 -14.27 -9.21
CA GLY A 42 16.48 -15.02 -9.71
C GLY A 42 16.44 -16.45 -9.19
N TYR A 43 15.25 -17.03 -9.21
CA TYR A 43 15.13 -18.45 -8.88
C TYR A 43 15.75 -19.33 -9.95
N LEU A 44 15.59 -18.95 -11.22
CA LEU A 44 15.91 -19.81 -12.35
C LEU A 44 17.35 -19.66 -12.81
N GLU A 45 17.99 -20.78 -13.09
CA GLU A 45 19.26 -20.78 -13.79
C GLU A 45 19.03 -20.31 -15.22
N PRO A 46 20.04 -19.74 -15.87
CA PRO A 46 19.85 -19.27 -17.26
C PRO A 46 19.30 -20.33 -18.19
N ALA A 47 19.77 -21.57 -18.07
CA ALA A 47 19.31 -22.64 -18.96
C ALA A 47 17.84 -22.98 -18.77
N ASP A 48 17.23 -22.55 -17.66
CA ASP A 48 15.82 -22.84 -17.39
C ASP A 48 14.89 -21.69 -17.71
N LEU A 49 15.41 -20.59 -18.24
CA LEU A 49 14.54 -19.50 -18.66
C LEU A 49 13.81 -19.87 -19.94
N PRO A 50 12.53 -19.52 -20.05
CA PRO A 50 11.83 -19.73 -21.33
C PRO A 50 12.50 -18.98 -22.46
N VAL A 51 12.51 -19.60 -23.64
CA VAL A 51 13.25 -19.12 -24.80
C VAL A 51 12.34 -18.19 -25.62
N ARG A 52 12.63 -16.89 -25.58
CA ARG A 52 11.82 -15.89 -26.30
C ARG A 52 11.65 -16.27 -27.76
N LEU A 53 12.75 -16.62 -28.41
CA LEU A 53 12.72 -16.87 -29.86
C LEU A 53 11.75 -18.00 -30.20
N ALA A 54 11.70 -19.04 -29.35
CA ALA A 54 10.82 -20.17 -29.62
C ALA A 54 9.35 -19.83 -29.35
N LEU A 55 9.09 -19.00 -28.33
CA LEU A 55 7.72 -18.80 -27.85
C LEU A 55 7.00 -17.64 -28.52
N LEU A 56 7.71 -16.66 -29.05
CA LEU A 56 7.11 -15.44 -29.55
C LEU A 56 7.23 -15.34 -31.07
N GLY A 57 6.24 -14.72 -31.68
CA GLY A 57 6.34 -14.38 -33.09
C GLY A 57 7.16 -13.12 -33.30
N ALA A 58 7.42 -12.82 -34.57
CA ALA A 58 8.11 -11.58 -34.90
C ALA A 58 7.24 -10.37 -34.52
N PRO A 59 7.86 -9.24 -34.20
CA PRO A 59 7.10 -8.01 -33.94
C PRO A 59 6.34 -7.57 -35.19
N PRO A 60 5.32 -6.73 -35.04
CA PRO A 60 4.56 -6.27 -36.21
C PRO A 60 5.48 -5.66 -37.27
N LYS A 61 5.29 -6.10 -38.51
CA LYS A 61 6.08 -5.61 -39.62
C LYS A 61 5.60 -4.24 -40.09
N PRO A 62 6.49 -3.48 -40.73
CA PRO A 62 6.05 -2.20 -41.31
C PRO A 62 4.95 -2.41 -42.34
N GLY A 63 3.99 -1.49 -42.35
CA GLY A 63 2.89 -1.55 -43.30
C GLY A 63 1.86 -2.62 -43.02
N SER A 64 1.96 -3.31 -41.89
CA SER A 64 1.03 -4.39 -41.57
C SER A 64 -0.14 -3.90 -40.74
N ALA A 65 -1.24 -4.64 -40.81
CA ALA A 65 -2.36 -4.38 -39.91
C ALA A 65 -1.98 -4.61 -38.46
N ALA A 66 -1.03 -5.51 -38.20
CA ALA A 66 -0.53 -5.70 -36.84
C ALA A 66 0.11 -4.42 -36.31
N LEU A 67 0.92 -3.76 -37.13
CA LEU A 67 1.49 -2.49 -36.73
C LEU A 67 0.39 -1.43 -36.58
N ALA A 68 -0.59 -1.44 -37.48
CA ALA A 68 -1.71 -0.52 -37.36
C ALA A 68 -2.43 -0.68 -36.04
N ARG A 69 -2.57 -1.92 -35.56
CA ARG A 69 -3.18 -2.16 -34.25
C ARG A 69 -2.32 -1.55 -33.14
N ASP A 70 -1.00 -1.63 -33.26
CA ASP A 70 -0.12 -1.01 -32.26
C ASP A 70 -0.30 0.51 -32.24
N GLU A 71 -0.40 1.14 -33.41
CA GLU A 71 -0.61 2.58 -33.43
C GLU A 71 -1.98 2.96 -32.91
N GLU A 72 -3.00 2.16 -33.24
CA GLU A 72 -4.35 2.43 -32.75
C GLU A 72 -4.40 2.37 -31.22
N ALA A 73 -3.77 1.35 -30.63
CA ALA A 73 -3.74 1.27 -29.17
C ALA A 73 -2.97 2.43 -28.56
N ARG A 74 -1.88 2.86 -29.22
CA ARG A 74 -1.13 4.02 -28.75
C ARG A 74 -2.03 5.26 -28.72
N ARG A 75 -2.80 5.49 -29.79
CA ARG A 75 -3.66 6.66 -29.83
CA ARG A 75 -3.68 6.65 -29.84
C ARG A 75 -4.74 6.60 -28.75
N ALA A 76 -5.37 5.45 -28.57
CA ALA A 76 -6.38 5.31 -27.52
C ALA A 76 -5.76 5.54 -26.14
N ALA A 77 -4.52 5.09 -25.95
CA ALA A 77 -3.86 5.26 -24.66
C ALA A 77 -3.52 6.73 -24.40
N LEU A 78 -3.04 7.43 -25.43
CA LEU A 78 -2.65 8.83 -25.24
C LEU A 78 -3.86 9.73 -24.98
N ALA A 79 -5.07 9.28 -25.31
CA ALA A 79 -6.25 10.04 -24.92
C ALA A 79 -6.38 10.14 -23.41
N LEU A 80 -5.77 9.22 -22.67
CA LEU A 80 -5.78 9.21 -21.22
C LEU A 80 -4.67 10.05 -20.60
N ARG A 81 -3.90 10.79 -21.41
CA ARG A 81 -2.92 11.70 -20.84
C ARG A 81 -3.58 12.72 -19.92
N GLY A 82 -3.01 12.88 -18.72
CA GLY A 82 -3.53 13.78 -17.73
C GLY A 82 -4.54 13.16 -16.78
N SER A 83 -4.90 11.90 -16.99
CA SER A 83 -5.94 11.23 -16.23
C SER A 83 -5.37 10.49 -15.02
N SER A 84 -6.27 10.05 -14.15
CA SER A 84 -5.87 9.21 -13.03
C SER A 84 -5.29 7.88 -13.49
N ARG A 85 -5.82 7.34 -14.59
CA ARG A 85 -5.28 6.08 -15.11
C ARG A 85 -3.82 6.24 -15.53
N GLU A 86 -3.47 7.38 -16.11
CA GLU A 86 -2.07 7.64 -16.43
C GLU A 86 -1.23 7.73 -15.17
N LYS A 87 -1.76 8.39 -14.14
CA LYS A 87 -1.03 8.52 -12.88
C LYS A 87 -0.76 7.15 -12.26
N LEU A 88 -1.74 6.26 -12.33
CA LEU A 88 -1.53 4.90 -11.83
C LEU A 88 -0.50 4.16 -12.67
N ALA A 89 -0.47 4.42 -13.99
CA ALA A 89 0.56 3.83 -14.83
C ALA A 89 1.94 4.34 -14.43
N ALA A 90 2.04 5.55 -13.89
CA ALA A 90 3.33 6.09 -13.49
C ALA A 90 3.91 5.34 -12.29
N THR A 91 3.05 4.92 -11.35
CA THR A 91 3.55 4.11 -10.24
C THR A 91 3.66 2.64 -10.62
N ASP A 92 2.83 2.18 -11.57
CA ASP A 92 3.02 0.84 -12.12
C ASP A 92 4.38 0.67 -12.77
N ALA A 93 5.00 1.76 -13.22
CA ALA A 93 6.31 1.69 -13.84
C ALA A 93 7.42 1.42 -12.84
N GLU A 94 7.16 1.56 -11.54
CA GLU A 94 8.21 1.48 -10.52
C GLU A 94 8.53 0.01 -10.26
N LEU A 95 9.72 -0.41 -10.68
CA LEU A 95 10.19 -1.75 -10.40
C LEU A 95 11.07 -1.83 -9.16
N SER A 96 11.62 -0.70 -8.71
CA SER A 96 12.37 -0.69 -7.47
C SER A 96 11.43 -0.98 -6.32
N PHE A 97 11.75 -2.01 -5.53
CA PHE A 97 10.92 -2.35 -4.40
C PHE A 97 11.03 -1.27 -3.33
N PRO A 98 9.94 -1.02 -2.57
CA PRO A 98 8.69 -1.79 -2.48
C PRO A 98 7.65 -1.45 -3.55
N GLY A 99 8.05 -0.87 -4.69
CA GLY A 99 7.14 -0.51 -5.75
C GLY A 99 6.14 -1.60 -6.11
N PRO A 100 6.63 -2.74 -6.60
CA PRO A 100 5.70 -3.82 -6.98
C PRO A 100 4.86 -4.34 -5.81
N ALA A 101 5.43 -4.44 -4.61
CA ALA A 101 4.68 -4.90 -3.46
C ALA A 101 3.50 -3.97 -3.18
N LYS A 102 3.74 -2.66 -3.21
CA LYS A 102 2.67 -1.69 -3.02
C LYS A 102 1.61 -1.83 -4.12
N THR A 103 2.05 -2.01 -5.36
CA THR A 103 1.15 -2.03 -6.51
C THR A 103 0.10 -3.15 -6.41
N PHE A 104 0.48 -4.31 -5.90
CA PHE A 104 -0.43 -5.45 -5.85
C PHE A 104 -1.13 -5.62 -4.50
N SER A 105 -0.88 -4.74 -3.54
CA SER A 105 -1.42 -4.94 -2.19
C SER A 105 -2.93 -4.84 -2.16
N CYS A 106 -3.51 -3.85 -2.84
CA CYS A 106 -4.96 -3.72 -2.85
C CYS A 106 -5.63 -4.93 -3.48
N ALA A 107 -5.10 -5.40 -4.61
CA ALA A 107 -5.66 -6.59 -5.23
C ALA A 107 -5.51 -7.81 -4.33
N LEU A 108 -4.43 -7.85 -3.53
CA LEU A 108 -4.24 -8.98 -2.63
C LEU A 108 -5.17 -8.90 -1.42
N GLY A 109 -5.58 -7.69 -1.02
CA GLY A 109 -6.39 -7.51 0.16
C GLY A 109 -5.62 -7.35 1.45
N THR A 110 -4.29 -7.36 1.38
CA THR A 110 -3.46 -7.12 2.56
C THR A 110 -2.14 -6.53 2.05
N GLN A 111 -1.43 -5.85 2.94
CA GLN A 111 -0.21 -5.18 2.53
C GLN A 111 0.91 -6.17 2.32
N ILE A 112 1.59 -6.06 1.19
CA ILE A 112 2.77 -6.86 0.91
C ILE A 112 3.95 -6.07 1.45
N SER A 113 4.59 -6.60 2.50
CA SER A 113 5.68 -5.90 3.15
C SER A 113 6.65 -6.92 3.72
N GLU A 114 7.89 -6.46 3.97
CA GLU A 114 8.87 -7.32 4.61
C GLU A 114 8.43 -7.72 6.01
N LYS A 115 7.76 -6.81 6.73
CA LYS A 115 7.36 -7.10 8.11
CA LYS A 115 7.37 -7.11 8.10
C LYS A 115 6.26 -8.16 8.15
N SER A 116 5.23 -7.99 7.32
CA SER A 116 4.05 -8.85 7.42
C SER A 116 4.12 -10.08 6.51
N THR A 117 4.65 -9.95 5.30
CA THR A 117 4.74 -11.07 4.35
C THR A 117 6.15 -11.16 3.77
N PRO A 118 7.15 -11.45 4.61
CA PRO A 118 8.55 -11.43 4.12
C PRO A 118 8.84 -12.38 2.98
N HIS A 119 8.29 -13.60 3.02
CA HIS A 119 8.57 -14.57 1.96
C HIS A 119 7.89 -14.17 0.66
N LEU A 120 6.68 -13.60 0.74
CA LEU A 120 6.04 -13.09 -0.46
C LEU A 120 6.82 -11.91 -1.03
N TYR A 121 7.29 -11.02 -0.16
CA TYR A 121 8.11 -9.89 -0.59
C TYR A 121 9.37 -10.38 -1.31
N THR A 122 10.08 -11.33 -0.70
CA THR A 122 11.24 -11.92 -1.35
C THR A 122 10.86 -12.59 -2.66
N LEU A 123 9.76 -13.36 -2.65
CA LEU A 123 9.33 -14.04 -3.85
C LEU A 123 9.12 -13.05 -4.99
N MET A 124 8.49 -11.90 -4.71
CA MET A 124 8.27 -10.92 -5.77
C MET A 124 9.59 -10.34 -6.26
N GLN A 125 10.54 -10.09 -5.35
CA GLN A 125 11.84 -9.55 -5.74
C GLN A 125 12.56 -10.52 -6.67
N ARG A 126 12.59 -11.80 -6.32
CA ARG A 126 13.35 -12.76 -7.11
C ARG A 126 12.65 -13.06 -8.45
N THR A 127 11.32 -13.11 -8.44
CA THR A 127 10.60 -13.33 -9.70
C THR A 127 10.68 -12.12 -10.62
N LEU A 128 10.91 -10.92 -10.06
CA LEU A 128 11.21 -9.77 -10.89
C LEU A 128 12.42 -10.04 -11.77
N THR A 129 13.47 -10.61 -11.20
CA THR A 129 14.66 -10.96 -11.98
C THR A 129 14.35 -12.02 -13.03
N ASP A 130 13.60 -13.07 -12.65
CA ASP A 130 13.30 -14.14 -13.60
C ASP A 130 12.45 -13.64 -14.76
N ALA A 131 11.38 -12.90 -14.46
CA ALA A 131 10.38 -12.53 -15.46
C ALA A 131 10.53 -11.12 -16.05
N GLY A 132 11.16 -10.19 -15.34
CA GLY A 132 11.02 -8.77 -15.61
C GLY A 132 11.90 -8.05 -16.61
N GLY A 133 12.48 -8.74 -17.60
CA GLY A 133 13.23 -8.07 -18.65
C GLY A 133 14.74 -8.05 -18.51
N SER A 134 15.28 -8.22 -17.31
N SER A 134 15.28 -8.21 -17.29
CA SER A 134 16.74 -8.25 -17.16
CA SER A 134 16.73 -8.26 -17.14
C SER A 134 17.34 -9.42 -17.93
C SER A 134 17.35 -9.44 -17.86
N THR A 135 16.55 -10.47 -18.15
CA THR A 135 17.00 -11.61 -18.93
C THR A 135 16.90 -11.38 -20.44
N TYR A 136 16.21 -10.31 -20.85
CA TYR A 136 16.00 -10.02 -22.27
C TYR A 136 17.27 -9.38 -22.83
N ALA A 137 18.25 -10.22 -23.11
CA ALA A 137 19.48 -9.74 -23.72
C ALA A 137 19.22 -9.37 -25.18
N GLY A 138 19.98 -8.39 -25.68
CA GLY A 138 19.83 -8.00 -27.07
C GLY A 138 20.26 -9.09 -28.04
N LYS A 139 21.16 -9.97 -27.59
CA LYS A 139 21.62 -11.08 -28.42
C LYS A 139 20.50 -12.09 -28.62
N ASN A 140 20.25 -12.44 -29.88
CA ASN A 140 19.17 -13.36 -30.26
C ASN A 140 17.80 -12.80 -29.88
N ALA A 141 17.60 -11.52 -30.21
CA ALA A 141 16.35 -10.83 -29.88
C ALA A 141 16.16 -9.67 -30.83
N TYR A 142 14.89 -9.32 -31.05
CA TYR A 142 14.58 -8.15 -31.86
C TYR A 142 14.87 -6.87 -31.08
N ASN A 143 15.36 -5.86 -31.78
CA ASN A 143 15.51 -4.52 -31.23
C ASN A 143 14.21 -3.75 -31.47
N ARG A 144 13.60 -3.26 -30.41
CA ARG A 144 12.30 -2.61 -30.47
C ARG A 144 12.45 -1.13 -30.18
N THR A 145 12.11 -0.29 -31.16
CA THR A 145 12.07 1.15 -30.90
C THR A 145 10.74 1.48 -30.22
N ARG A 146 10.81 2.09 -29.04
CA ARG A 146 9.64 2.32 -28.22
C ARG A 146 8.76 3.42 -28.81
N PRO A 147 7.46 3.42 -28.48
CA PRO A 147 6.56 4.39 -29.11
C PRO A 147 6.95 5.84 -28.90
N PHE A 148 7.31 6.22 -27.67
CA PHE A 148 7.63 7.62 -27.42
C PHE A 148 8.89 8.06 -28.15
N VAL A 149 9.77 7.12 -28.48
CA VAL A 149 10.94 7.45 -29.29
C VAL A 149 10.55 7.61 -30.75
N VAL A 150 9.75 6.68 -31.27
CA VAL A 150 9.31 6.76 -32.66
C VAL A 150 8.63 8.09 -32.94
N HIS A 151 7.76 8.53 -32.02
CA HIS A 151 6.93 9.72 -32.22
C HIS A 151 7.47 10.95 -31.48
N ASP A 152 8.77 10.94 -31.14
CA ASP A 152 9.41 12.03 -30.40
CA ASP A 152 9.42 12.01 -30.36
C ASP A 152 8.45 12.72 -29.43
N GLU A 153 7.93 11.98 -28.46
CA GLU A 153 6.99 12.50 -27.47
C GLU A 153 7.38 11.98 -26.09
N GLY A 154 6.62 12.37 -25.08
CA GLY A 154 6.94 12.05 -23.70
C GLY A 154 6.19 10.83 -23.18
N THR A 155 6.67 10.31 -22.06
CA THR A 155 6.04 9.22 -21.34
C THR A 155 5.44 9.75 -20.03
N CYS A 156 4.76 8.85 -19.32
CA CYS A 156 4.23 9.19 -18.01
C CYS A 156 5.31 9.23 -16.93
N ARG A 157 6.54 8.80 -17.24
CA ARG A 157 7.67 8.81 -16.29
C ARG A 157 8.87 9.47 -16.99
N LYS A 158 8.90 10.81 -16.97
CA LYS A 158 10.00 11.53 -17.61
CA LYS A 158 9.99 11.53 -17.62
C LYS A 158 11.35 11.11 -17.06
N ASP A 159 11.41 10.82 -15.76
CA ASP A 159 12.67 10.46 -15.12
C ASP A 159 13.27 9.16 -15.66
N MET A 160 12.45 8.26 -16.21
CA MET A 160 12.93 6.98 -16.69
C MET A 160 13.30 7.00 -18.17
N GLU A 161 13.06 8.09 -18.87
CA GLU A 161 13.25 8.16 -20.31
C GLU A 161 14.71 8.05 -20.75
N PRO A 162 15.68 8.66 -20.04
CA PRO A 162 17.09 8.49 -20.48
C PRO A 162 17.51 7.02 -20.62
N LEU A 163 17.05 6.15 -19.73
CA LEU A 163 17.34 4.72 -19.87
C LEU A 163 16.49 4.08 -20.96
N LEU A 164 15.19 4.35 -20.95
CA LEU A 164 14.29 3.70 -21.91
C LEU A 164 14.58 4.11 -23.35
N ARG A 165 15.17 5.28 -23.56
CA ARG A 165 15.42 5.75 -24.92
C ARG A 165 16.39 4.83 -25.65
N THR A 166 17.44 4.39 -24.97
CA THR A 166 18.43 3.49 -25.54
C THR A 166 18.07 2.02 -25.35
N ASP A 167 16.94 1.73 -24.75
CA ASP A 167 16.55 0.36 -24.43
C ASP A 167 15.52 -0.12 -25.47
N GLY A 168 15.81 -1.24 -26.11
CA GLY A 168 14.89 -1.81 -27.08
C GLY A 168 14.44 -3.21 -26.74
N SER A 169 14.12 -3.42 -25.46
CA SER A 169 13.87 -4.77 -24.94
C SER A 169 12.63 -5.39 -25.58
N TRP A 170 12.70 -6.70 -25.80
CA TRP A 170 11.65 -7.45 -26.46
C TRP A 170 11.36 -8.71 -25.66
N PRO A 171 10.11 -8.94 -25.22
CA PRO A 171 8.95 -8.04 -25.28
C PRO A 171 8.94 -7.08 -24.10
N SER A 172 7.79 -6.78 -23.51
CA SER A 172 7.72 -5.89 -22.36
C SER A 172 8.00 -6.67 -21.07
N GLY A 173 9.05 -6.26 -20.37
CA GLY A 173 9.39 -6.93 -19.12
C GLY A 173 8.42 -6.59 -18.00
N HIS A 174 7.98 -5.34 -17.93
CA HIS A 174 6.92 -4.98 -16.98
C HIS A 174 5.70 -5.84 -17.16
N SER A 175 5.27 -6.03 -18.42
CA SER A 175 4.09 -6.84 -18.68
C SER A 175 4.29 -8.27 -18.24
N ALA A 176 5.45 -8.86 -18.57
CA ALA A 176 5.74 -10.23 -18.19
C ALA A 176 5.73 -10.38 -16.68
N ALA A 177 6.39 -9.47 -15.97
CA ALA A 177 6.40 -9.55 -14.50
C ALA A 177 4.99 -9.32 -13.95
N GLY A 178 4.25 -8.38 -14.51
CA GLY A 178 2.88 -8.15 -14.05
C GLY A 178 2.01 -9.38 -14.15
N TRP A 179 2.06 -10.07 -15.29
CA TRP A 179 1.23 -11.25 -15.47
C TRP A 179 1.73 -12.40 -14.60
N ALA A 180 3.06 -12.55 -14.50
CA ALA A 180 3.63 -13.57 -13.62
C ALA A 180 3.23 -13.35 -12.17
N TRP A 181 3.34 -12.10 -11.70
CA TRP A 181 2.89 -11.79 -10.33
C TRP A 181 1.41 -12.04 -10.16
N GLY A 182 0.60 -11.66 -11.17
CA GLY A 182 -0.82 -11.92 -11.08
C GLY A 182 -1.14 -13.39 -10.95
N LEU A 183 -0.45 -14.23 -11.72
CA LEU A 183 -0.74 -15.66 -11.73
C LEU A 183 -0.28 -16.33 -10.44
N VAL A 184 0.90 -15.94 -9.93
CA VAL A 184 1.40 -16.53 -8.69
C VAL A 184 0.57 -16.07 -7.50
N LEU A 185 0.32 -14.76 -7.41
CA LEU A 185 -0.48 -14.21 -6.31
C LEU A 185 -1.89 -14.80 -6.32
N ALA A 186 -2.46 -15.06 -7.50
CA ALA A 186 -3.78 -15.66 -7.58
C ALA A 186 -3.79 -17.06 -6.98
N GLU A 187 -2.71 -17.82 -7.18
CA GLU A 187 -2.59 -19.10 -6.50
C GLU A 187 -2.42 -18.93 -5.00
N ILE A 188 -1.68 -17.90 -4.59
CA ILE A 188 -1.45 -17.67 -3.16
C ILE A 188 -2.74 -17.35 -2.44
N SER A 189 -3.60 -16.52 -3.05
CA SER A 189 -4.85 -16.08 -2.44
C SER A 189 -5.96 -16.38 -3.44
N PRO A 190 -6.40 -17.64 -3.53
CA PRO A 190 -7.38 -18.01 -4.57
C PRO A 190 -8.69 -17.26 -4.48
N ALA A 191 -9.10 -16.81 -3.29
CA ALA A 191 -10.34 -16.05 -3.15
C ALA A 191 -10.29 -14.70 -3.84
N ARG A 192 -9.10 -14.19 -4.13
CA ARG A 192 -8.93 -12.92 -4.83
C ARG A 192 -8.21 -13.14 -6.16
N ALA A 193 -8.40 -14.32 -6.75
CA ALA A 193 -7.68 -14.70 -7.97
C ALA A 193 -8.01 -13.75 -9.11
N THR A 194 -9.29 -13.45 -9.30
CA THR A 194 -9.68 -12.59 -10.41
C THR A 194 -9.16 -11.16 -10.23
N GLU A 195 -9.26 -10.61 -9.01
CA GLU A 195 -8.70 -9.29 -8.73
C GLU A 195 -7.21 -9.25 -9.05
N LEU A 196 -6.48 -10.30 -8.65
CA LEU A 196 -5.02 -10.28 -8.78
C LEU A 196 -4.59 -10.47 -10.22
N MET A 197 -5.26 -11.36 -10.95
CA MET A 197 -4.92 -11.56 -12.35
C MET A 197 -5.30 -10.34 -13.18
N THR A 198 -6.45 -9.73 -12.88
CA THR A 198 -6.81 -8.47 -13.53
C THR A 198 -5.75 -7.41 -13.29
N ARG A 199 -5.28 -7.28 -12.04
CA ARG A 199 -4.27 -6.29 -11.72
C ARG A 199 -2.97 -6.55 -12.47
N GLY A 200 -2.60 -7.83 -12.63
CA GLY A 200 -1.39 -8.16 -13.36
C GLY A 200 -1.46 -7.85 -14.85
N LEU A 201 -2.65 -8.00 -15.45
CA LEU A 201 -2.85 -7.59 -16.83
C LEU A 201 -2.83 -6.07 -16.94
N ALA A 202 -3.49 -5.38 -16.01
CA ALA A 202 -3.48 -3.93 -16.01
C ALA A 202 -2.06 -3.38 -15.84
N TYR A 203 -1.25 -4.09 -15.06
CA TYR A 203 0.15 -3.70 -14.88
C TYR A 203 0.88 -3.65 -16.22
N GLY A 204 0.63 -4.64 -17.07
CA GLY A 204 1.22 -4.62 -18.41
C GLY A 204 0.62 -3.54 -19.29
N GLN A 205 -0.71 -3.35 -19.21
CA GLN A 205 -1.36 -2.33 -20.01
C GLN A 205 -0.87 -0.93 -19.66
N SER A 206 -0.43 -0.74 -18.41
CA SER A 206 0.14 0.54 -18.01
C SER A 206 1.32 0.96 -18.89
N ARG A 207 2.04 -0.02 -19.46
CA ARG A 207 3.16 0.35 -20.33
C ARG A 207 2.67 0.99 -21.63
N VAL A 208 1.51 0.57 -22.12
CA VAL A 208 0.91 1.23 -23.27
C VAL A 208 0.41 2.61 -22.89
N ILE A 209 -0.26 2.70 -21.73
CA ILE A 209 -0.79 3.98 -21.27
C ILE A 209 0.33 4.97 -21.01
N CYS A 210 1.46 4.49 -20.51
CA CYS A 210 2.63 5.34 -20.26
C CYS A 210 3.37 5.71 -21.53
N ASP A 211 3.02 5.11 -22.67
CA ASP A 211 3.72 5.31 -23.94
C ASP A 211 5.16 4.81 -23.88
N ALA A 212 5.41 3.83 -23.02
CA ALA A 212 6.73 3.24 -22.88
C ALA A 212 6.95 2.05 -23.80
N HIS A 213 5.91 1.28 -24.10
CA HIS A 213 6.07 0.17 -25.03
C HIS A 213 4.78 -0.02 -25.81
N TRP A 214 4.87 -0.84 -26.86
CA TRP A 214 3.76 -1.12 -27.77
C TRP A 214 2.83 -2.18 -27.19
N GLN A 215 1.58 -2.19 -27.70
CA GLN A 215 0.62 -3.21 -27.30
C GLN A 215 1.14 -4.62 -27.59
N SER A 216 1.73 -4.82 -28.78
CA SER A 216 2.17 -6.17 -29.15
C SER A 216 3.25 -6.68 -28.19
N ASP A 217 4.13 -5.80 -27.72
CA ASP A 217 5.15 -6.21 -26.78
C ASP A 217 4.58 -6.45 -25.39
N VAL A 218 3.51 -5.74 -25.03
CA VAL A 218 2.80 -6.05 -23.80
C VAL A 218 2.13 -7.42 -23.89
N ASP A 219 1.47 -7.68 -25.02
CA ASP A 219 0.81 -8.97 -25.23
C ASP A 219 1.80 -10.11 -25.17
N ALA A 220 2.92 -9.97 -25.89
CA ALA A 220 3.94 -10.99 -25.88
C ALA A 220 4.55 -11.14 -24.48
N GLY A 221 4.58 -10.05 -23.71
CA GLY A 221 5.05 -10.14 -22.34
C GLY A 221 4.30 -11.15 -21.51
N ARG A 222 2.98 -11.26 -21.73
CA ARG A 222 2.20 -12.22 -20.95
C ARG A 222 2.50 -13.66 -21.34
N ILE A 223 2.90 -13.91 -22.58
CA ILE A 223 3.33 -15.25 -22.94
C ILE A 223 4.57 -15.63 -22.13
N MET A 224 5.54 -14.71 -22.08
CA MET A 224 6.77 -14.96 -21.32
C MET A 224 6.48 -15.08 -19.82
N GLY A 225 5.57 -14.25 -19.30
CA GLY A 225 5.23 -14.31 -17.89
C GLY A 225 4.60 -15.64 -17.50
N ALA A 226 3.64 -16.09 -18.30
CA ALA A 226 3.02 -17.39 -18.02
C ALA A 226 4.04 -18.51 -18.13
N ALA A 227 4.92 -18.45 -19.15
CA ALA A 227 5.96 -19.45 -19.31
C ALA A 227 6.89 -19.47 -18.11
N THR A 228 7.30 -18.29 -17.63
CA THR A 228 8.20 -18.20 -16.48
C THR A 228 7.56 -18.81 -15.24
N VAL A 229 6.26 -18.59 -15.04
CA VAL A 229 5.56 -19.17 -13.90
C VAL A 229 5.58 -20.70 -13.99
N ALA A 230 5.40 -21.25 -15.19
CA ALA A 230 5.47 -22.70 -15.36
C ALA A 230 6.85 -23.22 -14.96
N SER A 231 7.91 -22.55 -15.39
CA SER A 231 9.26 -22.94 -15.00
C SER A 231 9.45 -22.81 -13.49
N LEU A 232 8.93 -21.73 -12.90
CA LEU A 232 9.10 -21.50 -11.47
C LEU A 232 8.52 -22.64 -10.64
N HIS A 233 7.42 -23.24 -11.10
CA HIS A 233 6.82 -24.33 -10.35
C HIS A 233 7.67 -25.59 -10.38
N GLY A 234 8.71 -25.65 -11.20
CA GLY A 234 9.69 -26.71 -11.14
C GLY A 234 10.89 -26.41 -10.27
N ASN A 235 10.94 -25.23 -9.65
CA ASN A 235 12.10 -24.77 -8.90
C ASN A 235 11.83 -24.92 -7.41
N PRO A 236 12.58 -25.74 -6.69
CA PRO A 236 12.29 -25.94 -5.25
C PRO A 236 12.44 -24.69 -4.40
N ALA A 237 13.35 -23.77 -4.73
CA ALA A 237 13.48 -22.56 -3.93
C ALA A 237 12.22 -21.70 -4.05
N PHE A 238 11.73 -21.53 -5.27
CA PHE A 238 10.47 -20.83 -5.48
C PHE A 238 9.33 -21.51 -4.72
N LEU A 239 9.26 -22.84 -4.79
CA LEU A 239 8.16 -23.56 -4.16
C LEU A 239 8.18 -23.39 -2.64
N ALA A 240 9.37 -23.33 -2.04
CA ALA A 240 9.48 -23.12 -0.60
C ALA A 240 8.98 -21.72 -0.21
N ASP A 241 9.37 -20.68 -0.98
CA ASP A 241 8.88 -19.34 -0.69
C ASP A 241 7.38 -19.22 -0.95
N LEU A 242 6.89 -19.94 -1.97
CA LEU A 242 5.46 -19.92 -2.29
C LEU A 242 4.63 -20.47 -1.14
N ALA A 243 5.05 -21.62 -0.58
CA ALA A 243 4.31 -22.22 0.53
C ALA A 243 4.27 -21.30 1.74
N ALA A 244 5.40 -20.64 2.05
CA ALA A 244 5.44 -19.73 3.17
C ALA A 244 4.59 -18.49 2.91
N ALA A 245 4.59 -18.01 1.65
CA ALA A 245 3.78 -16.85 1.31
C ALA A 245 2.30 -17.13 1.48
N LYS A 246 1.87 -18.36 1.16
CA LYS A 246 0.46 -18.72 1.35
C LYS A 246 0.07 -18.62 2.82
N GLU A 247 0.96 -19.05 3.72
CA GLU A 247 0.66 -18.94 5.14
C GLU A 247 0.71 -17.49 5.61
N GLU A 248 1.68 -16.71 5.10
CA GLU A 248 1.80 -15.31 5.48
C GLU A 248 0.56 -14.51 5.09
N VAL A 249 0.09 -14.69 3.86
CA VAL A 249 -1.06 -13.94 3.39
C VAL A 249 -2.32 -14.35 4.14
N LYS A 250 -2.51 -15.66 4.33
CA LYS A 250 -3.69 -16.12 5.06
C LYS A 250 -3.70 -15.57 6.48
N ALA A 251 -2.56 -15.61 7.16
CA ALA A 251 -2.48 -15.08 8.52
C ALA A 251 -2.76 -13.58 8.54
N ALA A 252 -2.25 -12.85 7.56
CA ALA A 252 -2.47 -11.40 7.53
C ALA A 252 -3.93 -11.08 7.27
N GLN A 253 -4.56 -11.79 6.33
CA GLN A 253 -5.96 -11.54 6.02
C GLN A 253 -6.88 -11.92 7.18
N GLN A 254 -6.56 -13.03 7.86
CA GLN A 254 -7.37 -13.43 9.01
C GLN A 254 -7.21 -12.48 10.18
N ALA A 255 -6.04 -11.86 10.34
CA ALA A 255 -5.85 -10.84 11.36
C ALA A 255 -6.44 -9.49 10.95
N GLY A 256 -7.03 -9.39 9.77
CA GLY A 256 -7.66 -8.15 9.36
C GLY A 256 -6.69 -7.05 8.98
N LEU A 257 -5.49 -7.41 8.51
CA LEU A 257 -4.51 -6.40 8.13
C LEU A 257 -4.91 -5.85 6.76
N LYS A 258 -5.44 -4.63 6.74
CA LYS A 258 -5.89 -4.04 5.50
C LYS A 258 -4.69 -3.63 4.65
N PRO A 259 -4.88 -3.47 3.33
CA PRO A 259 -3.82 -2.87 2.52
C PRO A 259 -3.50 -1.46 3.00
N ALA A 260 -2.23 -1.10 2.96
CA ALA A 260 -1.77 0.24 3.29
C ALA A 260 -1.63 1.10 2.04
N GLU A 261 -2.51 0.88 1.07
CA GLU A 261 -2.57 1.68 -0.15
C GLU A 261 -3.99 2.22 -0.28
N ASP A 262 -4.13 3.30 -1.05
CA ASP A 262 -5.43 3.91 -1.28
C ASP A 262 -6.17 3.05 -2.32
N CYS A 263 -6.88 2.04 -1.82
CA CYS A 263 -7.55 1.12 -2.73
C CYS A 263 -8.74 1.79 -3.43
N ALA A 264 -9.38 2.76 -2.77
CA ALA A 264 -10.42 3.53 -3.44
C ALA A 264 -9.87 4.23 -4.67
N ALA A 265 -8.76 4.95 -4.50
CA ALA A 265 -8.20 5.72 -5.61
C ALA A 265 -7.71 4.80 -6.73
N GLU A 266 -7.13 3.65 -6.36
CA GLU A 266 -6.70 2.70 -7.39
C GLU A 266 -7.91 2.12 -8.13
N GLY A 267 -9.00 1.85 -7.40
CA GLY A 267 -10.21 1.36 -8.05
C GLY A 267 -10.76 2.32 -9.08
N VAL A 268 -10.85 3.61 -8.72
CA VAL A 268 -11.33 4.62 -9.66
C VAL A 268 -10.42 4.70 -10.89
N ALA A 269 -9.10 4.79 -10.66
CA ALA A 269 -8.16 4.93 -11.77
C ALA A 269 -8.26 3.74 -12.72
N LEU A 270 -8.47 2.54 -12.19
CA LEU A 270 -8.55 1.35 -13.03
C LEU A 270 -9.89 1.20 -13.73
N GLY A 271 -10.96 1.79 -13.19
CA GLY A 271 -12.28 1.61 -13.75
C GLY A 271 -12.91 0.29 -13.34
N LEU A 272 -12.54 -0.22 -12.16
CA LEU A 272 -12.89 -1.58 -11.76
C LEU A 272 -14.39 -1.81 -11.76
N THR A 273 -14.80 -2.99 -12.20
CA THR A 273 -16.20 -3.38 -12.27
C THR A 273 -16.40 -4.69 -11.52
N GLN A 274 -17.44 -4.73 -10.70
CA GLN A 274 -17.74 -5.93 -9.90
C GLN A 274 -18.84 -6.76 -10.55
N LYS B 38 1.30 -10.94 23.70
CA LYS B 38 0.83 -10.94 22.33
C LYS B 38 0.58 -9.51 21.82
N LEU B 39 1.26 -9.14 20.74
CA LEU B 39 1.15 -7.82 20.14
C LEU B 39 0.61 -7.95 18.72
N ALA B 40 -0.39 -7.15 18.40
CA ALA B 40 -0.87 -7.08 17.03
C ALA B 40 0.14 -6.31 16.17
N PRO B 41 0.18 -6.56 14.87
CA PRO B 41 1.06 -5.75 14.01
C PRO B 41 0.63 -4.29 14.02
N GLY B 42 1.60 -3.41 14.20
CA GLY B 42 1.34 -2.00 14.05
C GLY B 42 1.03 -1.63 12.60
N TYR B 43 0.35 -0.51 12.43
CA TYR B 43 0.11 0.02 11.09
C TYR B 43 1.40 0.47 10.42
N LEU B 44 2.31 1.08 11.19
CA LEU B 44 3.43 1.78 10.60
C LEU B 44 4.61 0.83 10.37
N GLU B 45 5.21 0.93 9.19
CA GLU B 45 6.48 0.28 8.93
C GLU B 45 7.54 0.98 9.78
N PRO B 46 8.63 0.29 10.14
CA PRO B 46 9.62 0.91 11.03
C PRO B 46 10.11 2.28 10.56
N ALA B 47 10.36 2.44 9.26
CA ALA B 47 10.85 3.70 8.72
C ALA B 47 9.83 4.83 8.81
N ASP B 48 8.55 4.51 9.05
CA ASP B 48 7.51 5.50 9.17
C ASP B 48 7.14 5.80 10.62
N LEU B 49 7.84 5.19 11.57
CA LEU B 49 7.63 5.54 12.96
C LEU B 49 8.26 6.91 13.24
N PRO B 50 7.60 7.77 13.99
CA PRO B 50 8.23 9.03 14.41
C PRO B 50 9.50 8.76 15.20
N VAL B 51 10.50 9.60 14.99
CA VAL B 51 11.84 9.41 15.56
C VAL B 51 11.92 10.12 16.90
N ARG B 52 11.96 9.34 18.00
CA ARG B 52 12.01 9.90 19.34
C ARG B 52 13.11 10.94 19.49
N LEU B 53 14.32 10.63 19.01
CA LEU B 53 15.46 11.50 19.22
C LEU B 53 15.25 12.87 18.59
N ALA B 54 14.56 12.92 17.45
CA ALA B 54 14.32 14.21 16.79
C ALA B 54 13.25 15.02 17.52
N LEU B 55 12.24 14.36 18.07
CA LEU B 55 11.07 15.05 18.60
C LEU B 55 11.18 15.41 20.08
N LEU B 56 11.99 14.69 20.85
CA LEU B 56 12.03 14.83 22.29
C LEU B 56 13.35 15.43 22.74
N GLY B 57 13.31 16.19 23.83
CA GLY B 57 14.51 16.65 24.48
C GLY B 57 15.09 15.59 25.37
N ALA B 58 16.25 15.89 25.94
CA ALA B 58 16.84 15.01 26.92
C ALA B 58 15.98 14.96 28.19
N PRO B 59 16.01 13.86 28.93
CA PRO B 59 15.31 13.79 30.22
C PRO B 59 15.92 14.76 31.22
N PRO B 60 15.21 15.09 32.29
CA PRO B 60 15.76 16.02 33.30
C PRO B 60 17.13 15.58 33.78
N LYS B 61 18.07 16.51 33.78
CA LYS B 61 19.43 16.23 34.25
C LYS B 61 19.49 16.20 35.77
N PRO B 62 20.48 15.52 36.34
CA PRO B 62 20.67 15.56 37.79
C PRO B 62 20.87 16.99 38.28
N GLY B 63 20.31 17.29 39.45
CA GLY B 63 20.46 18.61 40.04
C GLY B 63 19.69 19.72 39.36
N SER B 64 18.85 19.41 38.38
CA SER B 64 18.14 20.42 37.63
C SER B 64 16.77 20.69 38.24
N ALA B 65 16.25 21.89 37.96
CA ALA B 65 14.87 22.21 38.32
C ALA B 65 13.88 21.31 37.61
N ALA B 66 14.21 20.88 36.39
CA ALA B 66 13.36 19.92 35.68
C ALA B 66 13.22 18.62 36.45
N LEU B 67 14.34 18.11 37.00
CA LEU B 67 14.26 16.91 37.83
C LEU B 67 13.47 17.19 39.10
N ALA B 68 13.66 18.37 39.69
CA ALA B 68 12.88 18.74 40.87
C ALA B 68 11.39 18.75 40.57
N ARG B 69 11.01 19.21 39.36
CA ARG B 69 9.61 19.16 38.97
C ARG B 69 9.09 17.72 38.91
N ASP B 70 9.92 16.79 38.42
CA ASP B 70 9.52 15.38 38.41
C ASP B 70 9.32 14.85 39.83
N GLU B 71 10.22 15.21 40.75
CA GLU B 71 10.05 14.76 42.13
C GLU B 71 8.82 15.38 42.77
N GLU B 72 8.57 16.65 42.47
CA GLU B 72 7.38 17.32 42.96
C GLU B 72 6.12 16.64 42.46
N ALA B 73 6.09 16.30 41.16
CA ALA B 73 4.92 15.61 40.62
C ALA B 73 4.76 14.23 41.24
N ARG B 74 5.87 13.54 41.48
CA ARG B 74 5.79 12.24 42.15
C ARG B 74 5.17 12.37 43.53
N ARG B 75 5.54 13.41 44.29
CA ARG B 75 5.00 13.55 45.64
C ARG B 75 3.52 13.88 45.62
N ALA B 76 3.10 14.77 44.72
CA ALA B 76 1.67 15.08 44.60
C ALA B 76 0.88 13.85 44.19
N ALA B 77 1.45 13.01 43.33
CA ALA B 77 0.74 11.83 42.88
C ALA B 77 0.62 10.78 43.98
N LEU B 78 1.69 10.55 44.74
CA LEU B 78 1.67 9.52 45.77
C LEU B 78 0.76 9.88 46.94
N ALA B 79 0.36 11.15 47.06
CA ALA B 79 -0.64 11.52 48.05
C ALA B 79 -1.97 10.82 47.80
N LEU B 80 -2.21 10.36 46.56
CA LEU B 80 -3.42 9.63 46.20
C LEU B 80 -3.32 8.13 46.46
N ARG B 81 -2.24 7.66 47.09
CA ARG B 81 -2.15 6.24 47.43
C ARG B 81 -3.32 5.86 48.33
N GLY B 82 -3.99 4.76 47.99
CA GLY B 82 -5.14 4.29 48.73
C GLY B 82 -6.47 4.84 48.26
N SER B 83 -6.47 5.75 47.30
CA SER B 83 -7.68 6.41 46.82
C SER B 83 -8.27 5.64 45.64
N SER B 84 -9.50 6.01 45.28
CA SER B 84 -10.12 5.44 44.08
C SER B 84 -9.35 5.80 42.83
N ARG B 85 -8.76 7.00 42.78
CA ARG B 85 -7.97 7.38 41.62
C ARG B 85 -6.78 6.46 41.43
N GLU B 86 -6.15 6.02 42.52
CA GLU B 86 -5.07 5.05 42.39
C GLU B 86 -5.59 3.73 41.85
N LYS B 87 -6.76 3.29 42.32
CA LYS B 87 -7.36 2.05 41.83
C LYS B 87 -7.68 2.16 40.35
N LEU B 88 -8.17 3.32 39.89
CA LEU B 88 -8.36 3.52 38.46
C LEU B 88 -7.03 3.52 37.72
N ALA B 89 -5.96 4.03 38.35
CA ALA B 89 -4.65 3.96 37.73
C ALA B 89 -4.19 2.53 37.54
N ALA B 90 -4.62 1.62 38.42
CA ALA B 90 -4.25 0.21 38.31
C ALA B 90 -4.93 -0.47 37.12
N THR B 91 -6.17 -0.07 36.79
CA THR B 91 -6.79 -0.64 35.60
C THR B 91 -6.34 0.07 34.33
N ASP B 92 -5.96 1.35 34.43
CA ASP B 92 -5.34 2.04 33.31
C ASP B 92 -4.01 1.40 32.92
N ALA B 93 -3.38 0.66 33.83
CA ALA B 93 -2.11 0.00 33.52
C ALA B 93 -2.27 -1.19 32.59
N GLU B 94 -3.50 -1.69 32.41
CA GLU B 94 -3.70 -2.93 31.67
C GLU B 94 -3.65 -2.66 30.18
N LEU B 95 -2.57 -3.10 29.53
CA LEU B 95 -2.46 -2.96 28.08
C LEU B 95 -2.93 -4.20 27.34
N SER B 96 -3.02 -5.34 28.01
CA SER B 96 -3.58 -6.53 27.39
C SER B 96 -5.06 -6.30 27.10
N PHE B 97 -5.45 -6.46 25.83
CA PHE B 97 -6.84 -6.26 25.47
C PHE B 97 -7.71 -7.37 26.07
N PRO B 98 -8.96 -7.06 26.44
CA PRO B 98 -9.73 -5.84 26.16
C PRO B 98 -9.49 -4.67 27.12
N GLY B 99 -8.37 -4.63 27.84
CA GLY B 99 -8.08 -3.56 28.77
C GLY B 99 -8.31 -2.16 28.25
N PRO B 100 -7.54 -1.75 27.22
CA PRO B 100 -7.72 -0.40 26.68
C PRO B 100 -9.11 -0.15 26.14
N ALA B 101 -9.72 -1.15 25.50
CA ALA B 101 -11.09 -1.00 25.00
C ALA B 101 -12.05 -0.72 26.15
N LYS B 102 -11.91 -1.46 27.25
CA LYS B 102 -12.73 -1.22 28.43
C LYS B 102 -12.48 0.16 28.99
N THR B 103 -11.21 0.57 29.04
CA THR B 103 -10.84 1.84 29.66
C THR B 103 -11.51 3.04 28.97
N PHE B 104 -11.62 3.00 27.65
CA PHE B 104 -12.12 4.14 26.90
C PHE B 104 -13.61 4.05 26.57
N SER B 105 -14.32 3.02 27.05
CA SER B 105 -15.71 2.86 26.66
C SER B 105 -16.60 3.95 27.24
N CYS B 106 -16.41 4.29 28.52
CA CYS B 106 -17.26 5.30 29.16
C CYS B 106 -17.10 6.66 28.50
N ALA B 107 -15.87 7.06 28.20
CA ALA B 107 -15.65 8.33 27.52
C ALA B 107 -16.28 8.32 26.12
N LEU B 108 -16.29 7.15 25.48
CA LEU B 108 -16.88 7.06 24.14
C LEU B 108 -18.40 7.08 24.18
N GLY B 109 -19.00 6.63 25.28
CA GLY B 109 -20.44 6.53 25.36
C GLY B 109 -21.02 5.23 24.85
N THR B 110 -20.17 4.28 24.44
CA THR B 110 -20.62 2.98 24.01
C THR B 110 -19.49 1.99 24.23
N GLN B 111 -19.83 0.71 24.30
CA GLN B 111 -18.84 -0.32 24.60
C GLN B 111 -17.97 -0.60 23.38
N ILE B 112 -16.66 -0.57 23.59
CA ILE B 112 -15.69 -0.93 22.55
C ILE B 112 -15.44 -2.44 22.65
N SER B 113 -15.84 -3.17 21.61
CA SER B 113 -15.69 -4.62 21.60
C SER B 113 -15.54 -5.11 20.16
N GLU B 114 -15.01 -6.33 20.02
CA GLU B 114 -14.94 -6.95 18.69
C GLU B 114 -16.32 -7.17 18.11
N LYS B 115 -17.31 -7.46 18.95
CA LYS B 115 -18.65 -7.77 18.46
C LYS B 115 -19.32 -6.53 17.88
N SER B 116 -19.23 -5.40 18.58
CA SER B 116 -19.97 -4.20 18.22
C SER B 116 -19.17 -3.23 17.37
N THR B 117 -17.86 -3.07 17.64
CA THR B 117 -17.00 -2.14 16.90
C THR B 117 -15.72 -2.87 16.48
N PRO B 118 -15.84 -3.87 15.60
CA PRO B 118 -14.65 -4.67 15.25
C PRO B 118 -13.49 -3.86 14.68
N HIS B 119 -13.78 -2.90 13.80
CA HIS B 119 -12.70 -2.11 13.20
C HIS B 119 -12.07 -1.16 14.20
N LEU B 120 -12.86 -0.62 15.13
CA LEU B 120 -12.27 0.20 16.19
C LEU B 120 -11.40 -0.64 17.11
N TYR B 121 -11.86 -1.83 17.47
CA TYR B 121 -11.07 -2.74 18.29
C TYR B 121 -9.74 -3.09 17.60
N THR B 122 -9.80 -3.45 16.32
CA THR B 122 -8.58 -3.73 15.57
C THR B 122 -7.66 -2.52 15.55
N LEU B 123 -8.23 -1.33 15.28
CA LEU B 123 -7.44 -0.12 15.24
C LEU B 123 -6.72 0.14 16.57
N MET B 124 -7.43 -0.06 17.69
CA MET B 124 -6.79 0.18 18.98
C MET B 124 -5.66 -0.81 19.24
N GLN B 125 -5.86 -2.07 18.83
CA GLN B 125 -4.80 -3.07 19.00
C GLN B 125 -3.56 -2.69 18.20
N ARG B 126 -3.74 -2.31 16.94
CA ARG B 126 -2.59 -2.02 16.09
C ARG B 126 -1.91 -0.71 16.50
N THR B 127 -2.70 0.30 16.88
CA THR B 127 -2.10 1.55 17.32
C THR B 127 -1.41 1.41 18.66
N LEU B 128 -1.81 0.43 19.48
CA LEU B 128 -1.04 0.13 20.69
C LEU B 128 0.39 -0.21 20.33
N THR B 129 0.58 -1.05 19.31
CA THR B 129 1.93 -1.36 18.86
C THR B 129 2.63 -0.13 18.29
N ASP B 130 1.91 0.67 17.50
CA ASP B 130 2.54 1.86 16.91
C ASP B 130 2.99 2.84 17.99
N ALA B 131 2.11 3.17 18.93
CA ALA B 131 2.41 4.23 19.88
C ALA B 131 2.94 3.72 21.22
N GLY B 132 2.56 2.52 21.63
CA GLY B 132 2.69 2.06 22.99
C GLY B 132 3.94 1.34 23.47
N GLY B 133 5.09 2.00 23.44
CA GLY B 133 6.29 1.42 24.02
C GLY B 133 7.04 0.32 23.30
N SER B 134 6.35 -0.54 22.56
CA SER B 134 7.04 -1.67 21.92
C SER B 134 8.06 -1.20 20.90
N THR B 135 7.87 0.00 20.34
CA THR B 135 8.84 0.59 19.43
C THR B 135 10.01 1.23 20.16
N TYR B 136 9.89 1.44 21.49
CA TYR B 136 10.92 2.12 22.27
C TYR B 136 12.08 1.16 22.57
N ALA B 137 12.93 0.95 21.56
CA ALA B 137 14.10 0.14 21.75
C ALA B 137 15.13 0.90 22.59
N GLY B 138 16.10 0.16 23.14
CA GLY B 138 17.13 0.80 23.94
C GLY B 138 18.12 1.59 23.11
N LYS B 139 18.32 1.20 21.85
CA LYS B 139 19.27 1.87 20.97
C LYS B 139 18.72 3.21 20.52
N ASN B 140 19.59 4.23 20.51
CA ASN B 140 19.20 5.61 20.25
C ASN B 140 18.07 6.05 21.18
N ALA B 141 18.26 5.77 22.47
CA ALA B 141 17.26 6.12 23.47
C ALA B 141 17.95 6.24 24.81
N TYR B 142 17.39 7.10 25.66
CA TYR B 142 17.87 7.22 27.04
C TYR B 142 17.36 6.06 27.87
N ASN B 143 18.20 5.59 28.79
CA ASN B 143 17.78 4.61 29.78
C ASN B 143 17.21 5.36 30.98
N ARG B 144 15.96 5.09 31.30
CA ARG B 144 15.24 5.80 32.34
C ARG B 144 15.03 4.88 33.53
N THR B 145 15.58 5.24 34.68
CA THR B 145 15.27 4.53 35.91
C THR B 145 13.94 5.05 36.44
N ARG B 146 12.99 4.15 36.64
CA ARG B 146 11.63 4.53 36.99
C ARG B 146 11.56 5.03 38.44
N PRO B 147 10.54 5.85 38.77
CA PRO B 147 10.48 6.42 40.12
C PRO B 147 10.44 5.38 41.23
N PHE B 148 9.63 4.33 41.09
CA PHE B 148 9.55 3.35 42.17
C PHE B 148 10.85 2.58 42.35
N VAL B 149 11.68 2.49 41.32
CA VAL B 149 13.01 1.89 41.49
C VAL B 149 13.95 2.87 42.18
N VAL B 150 13.95 4.13 41.73
CA VAL B 150 14.81 5.15 42.32
C VAL B 150 14.60 5.23 43.83
N HIS B 151 13.35 5.21 44.27
CA HIS B 151 13.01 5.41 45.68
C HIS B 151 12.72 4.13 46.43
N ASP B 152 12.99 2.97 45.82
CA ASP B 152 12.80 1.66 46.44
C ASP B 152 11.44 1.55 47.13
N GLU B 153 10.38 1.81 46.35
CA GLU B 153 9.01 1.75 46.84
C GLU B 153 8.17 0.99 45.83
N GLY B 154 6.87 0.85 46.13
CA GLY B 154 5.96 0.07 45.33
C GLY B 154 5.11 0.90 44.37
N THR B 155 4.49 0.20 43.43
CA THR B 155 3.56 0.78 42.46
C THR B 155 2.14 0.34 42.77
N CYS B 156 1.20 0.87 41.99
CA CYS B 156 -0.20 0.47 42.08
C CYS B 156 -0.47 -0.90 41.47
N ARG B 157 0.49 -1.48 40.73
CA ARG B 157 0.37 -2.79 40.10
C ARG B 157 1.60 -3.60 40.47
N LYS B 158 1.59 -4.17 41.68
CA LYS B 158 2.75 -4.95 42.14
C LYS B 158 3.04 -6.13 41.22
N ASP B 159 2.01 -6.65 40.54
CA ASP B 159 2.19 -7.79 39.66
C ASP B 159 3.02 -7.44 38.43
N MET B 160 3.01 -6.17 38.01
CA MET B 160 3.71 -5.78 36.80
C MET B 160 5.14 -5.32 37.07
N GLU B 161 5.53 -5.22 38.34
CA GLU B 161 6.81 -4.65 38.75
C GLU B 161 8.03 -5.48 38.35
N PRO B 162 8.01 -6.82 38.45
CA PRO B 162 9.18 -7.60 38.02
C PRO B 162 9.61 -7.28 36.59
N LEU B 163 8.66 -7.04 35.70
CA LEU B 163 8.98 -6.64 34.33
C LEU B 163 9.43 -5.18 34.28
N LEU B 164 8.70 -4.29 34.94
CA LEU B 164 8.99 -2.86 34.87
C LEU B 164 10.35 -2.52 35.48
N ARG B 165 10.84 -3.35 36.40
CA ARG B 165 12.09 -3.01 37.10
C ARG B 165 13.27 -2.94 36.14
N THR B 166 13.38 -3.91 35.24
CA THR B 166 14.46 -3.95 34.26
C THR B 166 14.16 -3.14 33.02
N ASP B 167 13.02 -2.46 32.98
CA ASP B 167 12.57 -1.73 31.80
C ASP B 167 12.89 -0.25 32.01
N GLY B 168 13.65 0.34 31.08
CA GLY B 168 13.98 1.74 31.15
C GLY B 168 13.48 2.53 29.96
N SER B 169 12.23 2.26 29.55
CA SER B 169 11.69 2.80 28.32
C SER B 169 11.55 4.32 28.38
N TRP B 170 11.83 4.96 27.26
CA TRP B 170 11.79 6.41 27.13
C TRP B 170 11.02 6.76 25.86
N PRO B 171 9.95 7.56 25.94
CA PRO B 171 9.29 8.07 27.15
C PRO B 171 8.28 7.05 27.67
N SER B 172 7.12 7.49 28.19
CA SER B 172 6.10 6.58 28.69
C SER B 172 5.23 6.07 27.54
N GLY B 173 5.23 4.75 27.33
CA GLY B 173 4.44 4.16 26.27
C GLY B 173 2.95 4.20 26.57
N HIS B 174 2.58 3.95 27.83
CA HIS B 174 1.19 4.11 28.24
C HIS B 174 0.70 5.52 27.92
N SER B 175 1.50 6.52 28.26
CA SER B 175 1.11 7.90 28.00
C SER B 175 0.91 8.15 26.52
N ALA B 176 1.84 7.68 25.69
CA ALA B 176 1.73 7.86 24.25
C ALA B 176 0.47 7.20 23.70
N ALA B 177 0.20 5.96 24.11
CA ALA B 177 -0.98 5.24 23.63
C ALA B 177 -2.26 5.91 24.11
N GLY B 178 -2.30 6.33 25.38
CA GLY B 178 -3.47 7.01 25.89
C GLY B 178 -3.81 8.25 25.10
N TRP B 179 -2.80 9.08 24.81
CA TRP B 179 -3.05 10.31 24.07
C TRP B 179 -3.40 10.02 22.61
N ALA B 180 -2.72 9.04 22.01
CA ALA B 180 -3.05 8.63 20.65
C ALA B 180 -4.48 8.14 20.56
N TRP B 181 -4.89 7.27 21.49
CA TRP B 181 -6.26 6.77 21.51
C TRP B 181 -7.25 7.90 21.71
N GLY B 182 -6.95 8.82 22.64
CA GLY B 182 -7.83 9.97 22.85
C GLY B 182 -8.02 10.80 21.60
N LEU B 183 -6.94 11.04 20.85
CA LEU B 183 -7.04 11.89 19.67
C LEU B 183 -7.79 11.20 18.54
N VAL B 184 -7.53 9.91 18.35
CA VAL B 184 -8.20 9.15 17.29
C VAL B 184 -9.67 8.96 17.61
N LEU B 185 -9.98 8.54 18.83
CA LEU B 185 -11.37 8.36 19.23
C LEU B 185 -12.14 9.67 19.15
N ALA B 186 -11.48 10.79 19.48
CA ALA B 186 -12.15 12.09 19.40
C ALA B 186 -12.54 12.43 17.97
N GLU B 187 -11.70 12.07 16.99
CA GLU B 187 -12.07 12.21 15.60
C GLU B 187 -13.21 11.27 15.24
N ILE B 188 -13.21 10.07 15.81
CA ILE B 188 -14.25 9.09 15.51
C ILE B 188 -15.61 9.58 16.00
N SER B 189 -15.68 10.14 17.20
CA SER B 189 -16.93 10.60 17.80
C SER B 189 -16.75 12.03 18.26
N PRO B 190 -16.83 12.99 17.33
CA PRO B 190 -16.54 14.40 17.68
C PRO B 190 -17.43 14.96 18.78
N ALA B 191 -18.66 14.45 18.92
CA ALA B 191 -19.55 14.94 19.98
C ALA B 191 -19.01 14.64 21.37
N ARG B 192 -18.07 13.71 21.49
CA ARG B 192 -17.45 13.36 22.77
C ARG B 192 -15.95 13.62 22.74
N ALA B 193 -15.52 14.60 21.94
CA ALA B 193 -14.10 14.86 21.73
C ALA B 193 -13.40 15.23 23.03
N THR B 194 -13.98 16.15 23.81
CA THR B 194 -13.34 16.58 25.04
C THR B 194 -13.29 15.46 26.07
N GLU B 195 -14.38 14.71 26.22
CA GLU B 195 -14.37 13.57 27.14
C GLU B 195 -13.27 12.58 26.77
N LEU B 196 -13.16 12.25 25.48
CA LEU B 196 -12.21 11.24 25.05
C LEU B 196 -10.77 11.72 25.20
N MET B 197 -10.49 12.98 24.84
CA MET B 197 -9.13 13.50 24.98
C MET B 197 -8.76 13.68 26.46
N THR B 198 -9.71 14.13 27.28
CA THR B 198 -9.44 14.16 28.72
C THR B 198 -9.10 12.78 29.26
N ARG B 199 -9.83 11.76 28.81
CA ARG B 199 -9.55 10.40 29.27
C ARG B 199 -8.17 9.94 28.83
N GLY B 200 -7.76 10.31 27.61
CA GLY B 200 -6.43 9.92 27.14
C GLY B 200 -5.31 10.58 27.91
N LEU B 201 -5.51 11.82 28.35
CA LEU B 201 -4.51 12.47 29.20
C LEU B 201 -4.45 11.82 30.57
N ALA B 202 -5.61 11.52 31.15
CA ALA B 202 -5.64 10.84 32.45
C ALA B 202 -4.98 9.48 32.37
N TYR B 203 -5.11 8.80 31.23
CA TYR B 203 -4.47 7.49 31.06
C TYR B 203 -2.96 7.59 31.24
N GLY B 204 -2.34 8.63 30.67
CA GLY B 204 -0.92 8.84 30.89
C GLY B 204 -0.61 9.28 32.31
N GLN B 205 -1.45 10.13 32.88
CA GLN B 205 -1.25 10.59 34.25
C GLN B 205 -1.34 9.43 35.24
N SER B 206 -2.11 8.39 34.90
CA SER B 206 -2.18 7.21 35.75
C SER B 206 -0.81 6.59 35.99
N ARG B 207 0.13 6.77 35.06
CA ARG B 207 1.46 6.20 35.24
C ARG B 207 2.22 6.91 36.35
N VAL B 208 2.00 8.21 36.51
CA VAL B 208 2.60 8.94 37.63
C VAL B 208 1.95 8.53 38.94
N ILE B 209 0.62 8.46 38.94
CA ILE B 209 -0.11 8.07 40.15
C ILE B 209 0.25 6.66 40.56
N CYS B 210 0.49 5.78 39.59
CA CYS B 210 0.92 4.42 39.86
C CYS B 210 2.38 4.35 40.31
N ASP B 211 3.11 5.47 40.23
CA ASP B 211 4.53 5.54 40.54
C ASP B 211 5.34 4.69 39.58
N ALA B 212 4.80 4.47 38.37
CA ALA B 212 5.47 3.66 37.37
C ALA B 212 6.42 4.47 36.48
N HIS B 213 6.12 5.74 36.21
CA HIS B 213 7.02 6.54 35.40
C HIS B 213 6.96 7.99 35.86
N TRP B 214 7.92 8.77 35.35
CA TRP B 214 8.07 10.17 35.73
C TRP B 214 7.14 11.05 34.92
N GLN B 215 6.83 12.22 35.49
CA GLN B 215 5.99 13.20 34.81
C GLN B 215 6.58 13.59 33.46
N SER B 216 7.90 13.82 33.40
CA SER B 216 8.52 14.25 32.15
C SER B 216 8.36 13.21 31.05
N ASP B 217 8.43 11.92 31.41
CA ASP B 217 8.24 10.86 30.43
C ASP B 217 6.78 10.72 30.02
N VAL B 218 5.86 11.02 30.92
CA VAL B 218 4.45 11.09 30.54
C VAL B 218 4.22 12.27 29.61
N ASP B 219 4.81 13.42 29.92
CA ASP B 219 4.66 14.58 29.05
C ASP B 219 5.22 14.31 27.67
N ALA B 220 6.43 13.76 27.61
CA ALA B 220 7.03 13.43 26.32
C ALA B 220 6.23 12.34 25.60
N GLY B 221 5.61 11.44 26.37
CA GLY B 221 4.76 10.43 25.75
C GLY B 221 3.68 11.01 24.87
N ARG B 222 3.11 12.15 25.28
CA ARG B 222 2.07 12.77 24.47
C ARG B 222 2.62 13.38 23.20
N ILE B 223 3.88 13.84 23.22
CA ILE B 223 4.51 14.29 21.98
C ILE B 223 4.58 13.13 20.99
N MET B 224 5.06 11.98 21.47
CA MET B 224 5.14 10.80 20.61
C MET B 224 3.76 10.30 20.22
N GLY B 225 2.79 10.35 21.15
CA GLY B 225 1.44 9.91 20.82
C GLY B 225 0.81 10.74 19.73
N ALA B 226 0.94 12.06 19.83
CA ALA B 226 0.40 12.96 18.81
C ALA B 226 1.11 12.77 17.48
N ALA B 227 2.43 12.62 17.52
CA ALA B 227 3.20 12.40 16.29
C ALA B 227 2.76 11.12 15.61
N THR B 228 2.55 10.05 16.39
CA THR B 228 2.16 8.77 15.81
C THR B 228 0.81 8.89 15.11
N VAL B 229 -0.13 9.63 15.70
CA VAL B 229 -1.42 9.82 15.07
C VAL B 229 -1.25 10.56 13.75
N ALA B 230 -0.40 11.58 13.70
CA ALA B 230 -0.15 12.27 12.45
C ALA B 230 0.42 11.32 11.41
N SER B 231 1.40 10.49 11.81
CA SER B 231 1.95 9.49 10.91
C SER B 231 0.89 8.49 10.47
N LEU B 232 0.05 8.05 11.41
CA LEU B 232 -1.01 7.10 11.10
C LEU B 232 -1.96 7.64 10.04
N HIS B 233 -2.24 8.95 10.08
CA HIS B 233 -3.12 9.55 9.09
C HIS B 233 -2.52 9.58 7.69
N GLY B 234 -1.24 9.24 7.55
CA GLY B 234 -0.65 9.02 6.25
C GLY B 234 -0.71 7.59 5.79
N ASN B 235 -1.27 6.69 6.61
CA ASN B 235 -1.30 5.26 6.32
C ASN B 235 -2.72 4.90 5.88
N PRO B 236 -2.92 4.47 4.63
CA PRO B 236 -4.29 4.19 4.17
C PRO B 236 -4.99 3.06 4.93
N ALA B 237 -4.25 2.07 5.45
CA ALA B 237 -4.90 1.01 6.21
C ALA B 237 -5.49 1.56 7.50
N PHE B 238 -4.74 2.39 8.21
CA PHE B 238 -5.29 3.09 9.36
C PHE B 238 -6.52 3.90 8.96
N LEU B 239 -6.45 4.58 7.81
CA LEU B 239 -7.56 5.44 7.40
C LEU B 239 -8.81 4.61 7.13
N ALA B 240 -8.64 3.44 6.52
CA ALA B 240 -9.79 2.58 6.22
C ALA B 240 -10.42 2.04 7.50
N ASP B 241 -9.60 1.58 8.45
CA ASP B 241 -10.15 1.11 9.72
C ASP B 241 -10.82 2.25 10.48
N LEU B 242 -10.26 3.46 10.38
CA LEU B 242 -10.83 4.62 11.05
C LEU B 242 -12.22 4.91 10.51
N ALA B 243 -12.37 4.94 9.19
CA ALA B 243 -13.66 5.24 8.57
C ALA B 243 -14.71 4.20 8.95
N ALA B 244 -14.32 2.92 8.97
CA ALA B 244 -15.26 1.88 9.39
C ALA B 244 -15.61 2.01 10.87
N ALA B 245 -14.63 2.38 11.70
CA ALA B 245 -14.91 2.55 13.12
C ALA B 245 -15.90 3.68 13.35
N LYS B 246 -15.82 4.74 12.54
CA LYS B 246 -16.78 5.83 12.66
C LYS B 246 -18.19 5.35 12.43
N GLU B 247 -18.39 4.48 11.44
CA GLU B 247 -19.71 3.94 11.15
C GLU B 247 -20.17 3.01 12.27
N GLU B 248 -19.25 2.22 12.80
CA GLU B 248 -19.57 1.30 13.90
C GLU B 248 -20.01 2.07 15.14
N VAL B 249 -19.26 3.11 15.52
CA VAL B 249 -19.58 3.87 16.72
C VAL B 249 -20.89 4.63 16.53
N LYS B 250 -21.10 5.21 15.34
CA LYS B 250 -22.35 5.89 15.05
C LYS B 250 -23.54 4.96 15.19
N ALA B 251 -23.44 3.75 14.61
CA ALA B 251 -24.54 2.80 14.71
C ALA B 251 -24.78 2.37 16.15
N ALA B 252 -23.70 2.15 16.91
CA ALA B 252 -23.85 1.69 18.29
C ALA B 252 -24.48 2.78 19.16
N GLN B 253 -24.03 4.02 19.00
CA GLN B 253 -24.60 5.11 19.79
C GLN B 253 -26.03 5.39 19.40
N GLN B 254 -26.35 5.30 18.11
CA GLN B 254 -27.72 5.50 17.67
C GLN B 254 -28.62 4.35 18.11
N ALA B 255 -28.07 3.14 18.25
CA ALA B 255 -28.88 2.05 18.81
C ALA B 255 -28.99 2.15 20.33
N GLY B 256 -28.36 3.15 20.93
CA GLY B 256 -28.46 3.35 22.36
C GLY B 256 -27.70 2.32 23.17
N LEU B 257 -26.65 1.72 22.59
CA LEU B 257 -25.86 0.73 23.30
C LEU B 257 -24.96 1.45 24.29
N LYS B 258 -25.25 1.30 25.57
CA LYS B 258 -24.48 1.97 26.59
C LYS B 258 -23.23 1.17 26.93
N PRO B 259 -22.21 1.82 27.47
CA PRO B 259 -21.02 1.08 27.90
C PRO B 259 -21.37 0.03 28.95
N ALA B 260 -20.68 -1.10 28.89
CA ALA B 260 -20.81 -2.15 29.89
C ALA B 260 -19.78 -2.01 31.00
N GLU B 261 -19.44 -0.77 31.35
CA GLU B 261 -18.50 -0.44 32.40
C GLU B 261 -19.23 0.43 33.41
N ASP B 262 -18.70 0.46 34.64
CA ASP B 262 -19.27 1.29 35.69
C ASP B 262 -18.80 2.72 35.46
N CYS B 263 -19.54 3.45 34.61
CA CYS B 263 -19.13 4.81 34.27
C CYS B 263 -19.29 5.76 35.44
N ALA B 264 -20.26 5.51 36.31
CA ALA B 264 -20.36 6.29 37.54
C ALA B 264 -19.08 6.17 38.37
N ALA B 265 -18.63 4.93 38.61
CA ALA B 265 -17.46 4.72 39.44
C ALA B 265 -16.20 5.30 38.78
N GLU B 266 -16.07 5.18 37.46
CA GLU B 266 -14.92 5.79 36.80
C GLU B 266 -14.97 7.31 36.90
N GLY B 267 -16.18 7.88 36.78
CA GLY B 267 -16.31 9.32 36.90
C GLY B 267 -15.85 9.85 38.25
N VAL B 268 -16.27 9.20 39.34
CA VAL B 268 -15.84 9.64 40.67
C VAL B 268 -14.33 9.50 40.79
N ALA B 269 -13.77 8.37 40.33
CA ALA B 269 -12.34 8.12 40.44
C ALA B 269 -11.53 9.20 39.74
N LEU B 270 -12.04 9.74 38.63
CA LEU B 270 -11.29 10.72 37.87
C LEU B 270 -11.26 12.09 38.57
N GLY B 271 -12.25 12.38 39.40
CA GLY B 271 -12.28 13.66 40.11
C GLY B 271 -12.76 14.85 39.30
N LYS C 38 -20.13 -36.63 -22.40
CA LYS C 38 -18.92 -36.82 -23.20
C LYS C 38 -17.76 -35.99 -22.64
N LEU C 39 -18.01 -35.30 -21.52
CA LEU C 39 -17.02 -34.46 -20.88
C LEU C 39 -16.69 -35.00 -19.49
N ALA C 40 -15.40 -35.10 -19.18
CA ALA C 40 -14.96 -35.49 -17.86
C ALA C 40 -15.27 -34.38 -16.86
N PRO C 41 -15.39 -34.71 -15.58
CA PRO C 41 -15.56 -33.65 -14.57
C PRO C 41 -14.32 -32.76 -14.52
N GLY C 42 -14.54 -31.46 -14.57
CA GLY C 42 -13.45 -30.53 -14.35
C GLY C 42 -12.98 -30.56 -12.91
N TYR C 43 -11.73 -30.13 -12.71
CA TYR C 43 -11.22 -29.98 -11.36
C TYR C 43 -11.93 -28.84 -10.62
N LEU C 44 -12.18 -27.74 -11.31
CA LEU C 44 -12.62 -26.51 -10.66
C LEU C 44 -14.13 -26.42 -10.55
N GLU C 45 -14.59 -25.97 -9.38
CA GLU C 45 -15.98 -25.59 -9.23
C GLU C 45 -16.24 -24.32 -10.06
N PRO C 46 -17.48 -24.12 -10.52
CA PRO C 46 -17.76 -22.93 -11.35
C PRO C 46 -17.32 -21.63 -10.72
N ALA C 47 -17.50 -21.48 -9.40
CA ALA C 47 -17.13 -20.24 -8.72
C ALA C 47 -15.62 -20.01 -8.71
N ASP C 48 -14.83 -21.04 -8.99
CA ASP C 48 -13.37 -20.92 -9.02
C ASP C 48 -12.83 -20.83 -10.44
N LEU C 49 -13.68 -20.81 -11.45
CA LEU C 49 -13.21 -20.58 -12.81
C LEU C 49 -12.83 -19.11 -12.99
N PRO C 50 -11.75 -18.83 -13.71
CA PRO C 50 -11.42 -17.43 -14.02
C PRO C 50 -12.54 -16.75 -14.79
N VAL C 51 -12.74 -15.47 -14.51
CA VAL C 51 -13.87 -14.71 -15.02
C VAL C 51 -13.45 -14.05 -16.33
N ARG C 52 -13.99 -14.53 -17.45
CA ARG C 52 -13.65 -14.01 -18.77
C ARG C 52 -13.79 -12.49 -18.84
N LEU C 53 -14.92 -11.95 -18.35
CA LEU C 53 -15.19 -10.52 -18.51
C LEU C 53 -14.13 -9.67 -17.83
N ALA C 54 -13.63 -10.11 -16.68
CA ALA C 54 -12.63 -9.32 -15.97
C ALA C 54 -11.28 -9.39 -16.65
N LEU C 55 -10.94 -10.54 -17.23
CA LEU C 55 -9.59 -10.77 -17.72
C LEU C 55 -9.38 -10.38 -19.17
N LEU C 56 -10.45 -10.35 -19.97
CA LEU C 56 -10.34 -10.15 -21.40
C LEU C 56 -10.93 -8.79 -21.80
N GLY C 57 -10.35 -8.21 -22.84
CA GLY C 57 -10.97 -7.05 -23.45
C GLY C 57 -12.08 -7.44 -24.39
N ALA C 58 -12.79 -6.43 -24.89
CA ALA C 58 -13.80 -6.68 -25.89
C ALA C 58 -13.14 -7.19 -27.17
N PRO C 59 -13.86 -7.96 -27.97
CA PRO C 59 -13.31 -8.41 -29.27
C PRO C 59 -13.05 -7.22 -30.17
N PRO C 60 -12.24 -7.38 -31.22
CA PRO C 60 -11.97 -6.28 -32.14
C PRO C 60 -13.24 -5.64 -32.64
N LYS C 61 -13.29 -4.31 -32.58
CA LYS C 61 -14.47 -3.58 -33.01
C LYS C 61 -14.54 -3.52 -34.53
N PRO C 62 -15.72 -3.32 -35.10
CA PRO C 62 -15.81 -3.10 -36.54
C PRO C 62 -15.03 -1.88 -36.96
N GLY C 63 -14.37 -1.97 -38.11
CA GLY C 63 -13.59 -0.87 -38.64
C GLY C 63 -12.29 -0.58 -37.91
N SER C 64 -11.89 -1.43 -36.97
CA SER C 64 -10.69 -1.17 -36.18
C SER C 64 -9.49 -1.85 -36.81
N ALA C 65 -8.31 -1.31 -36.50
CA ALA C 65 -7.07 -1.98 -36.90
C ALA C 65 -6.93 -3.34 -36.24
N ALA C 66 -7.48 -3.51 -35.03
CA ALA C 66 -7.48 -4.82 -34.40
C ALA C 66 -8.22 -5.84 -35.25
N LEU C 67 -9.38 -5.44 -35.81
CA LEU C 67 -10.10 -6.34 -36.71
C LEU C 67 -9.31 -6.57 -37.99
N ALA C 68 -8.66 -5.52 -38.50
CA ALA C 68 -7.81 -5.68 -39.67
C ALA C 68 -6.69 -6.68 -39.41
N ARG C 69 -6.12 -6.66 -38.19
CA ARG C 69 -5.10 -7.64 -37.84
C ARG C 69 -5.66 -9.06 -37.89
N ASP C 70 -6.90 -9.24 -37.46
CA ASP C 70 -7.52 -10.56 -37.55
C ASP C 70 -7.68 -11.01 -39.01
N GLU C 71 -8.09 -10.10 -39.88
CA GLU C 71 -8.24 -10.45 -41.30
C GLU C 71 -6.89 -10.72 -41.94
N GLU C 72 -5.89 -9.92 -41.58
CA GLU C 72 -4.53 -10.15 -42.06
C GLU C 72 -4.03 -11.52 -41.61
N ALA C 73 -4.25 -11.87 -40.33
CA ALA C 73 -3.84 -13.19 -39.84
C ALA C 73 -4.60 -14.31 -40.55
N ARG C 74 -5.89 -14.08 -40.82
CA ARG C 74 -6.66 -15.06 -41.58
C ARG C 74 -6.07 -15.28 -42.97
N ARG C 75 -5.77 -14.19 -43.68
CA ARG C 75 -5.25 -14.32 -45.04
C ARG C 75 -3.90 -15.03 -45.05
N ALA C 76 -3.04 -14.70 -44.09
CA ALA C 76 -1.76 -15.39 -44.00
C ALA C 76 -1.94 -16.87 -43.69
N ALA C 77 -2.94 -17.18 -42.86
CA ALA C 77 -3.18 -18.58 -42.49
C ALA C 77 -3.75 -19.38 -43.66
N LEU C 78 -4.69 -18.80 -44.41
CA LEU C 78 -5.32 -19.54 -45.50
C LEU C 78 -4.36 -19.80 -46.64
N ALA C 79 -3.24 -19.08 -46.72
CA ALA C 79 -2.21 -19.42 -47.70
C ALA C 79 -1.66 -20.82 -47.47
N LEU C 80 -1.80 -21.35 -46.26
CA LEU C 80 -1.35 -22.69 -45.92
C LEU C 80 -2.39 -23.76 -46.24
N ARG C 81 -3.50 -23.39 -46.88
CA ARG C 81 -4.48 -24.40 -47.28
C ARG C 81 -3.83 -25.43 -48.20
N GLY C 82 -4.06 -26.71 -47.90
CA GLY C 82 -3.48 -27.79 -48.66
C GLY C 82 -2.14 -28.27 -48.16
N SER C 83 -1.56 -27.62 -47.16
CA SER C 83 -0.23 -27.93 -46.69
C SER C 83 -0.28 -28.96 -45.56
N SER C 84 0.89 -29.51 -45.24
CA SER C 84 0.98 -30.43 -44.11
C SER C 84 0.63 -29.73 -42.80
N ARG C 85 0.94 -28.43 -42.69
CA ARG C 85 0.57 -27.69 -41.48
C ARG C 85 -0.94 -27.64 -41.31
N GLU C 86 -1.67 -27.50 -42.41
CA GLU C 86 -3.14 -27.53 -42.32
C GLU C 86 -3.63 -28.90 -41.86
N LYS C 87 -3.01 -29.97 -42.38
CA LYS C 87 -3.39 -31.32 -41.96
C LYS C 87 -3.13 -31.51 -40.47
N LEU C 88 -2.01 -30.98 -39.96
CA LEU C 88 -1.77 -31.04 -38.53
C LEU C 88 -2.79 -30.21 -37.76
N ALA C 89 -3.23 -29.09 -38.34
CA ALA C 89 -4.30 -28.31 -37.71
C ALA C 89 -5.58 -29.13 -37.62
N ALA C 90 -5.80 -30.06 -38.57
CA ALA C 90 -7.01 -30.87 -38.55
C ALA C 90 -7.00 -31.85 -37.37
N THR C 91 -5.86 -32.49 -37.10
N THR C 91 -5.85 -32.47 -37.09
CA THR C 91 -5.79 -33.37 -35.94
CA THR C 91 -5.77 -33.37 -35.95
C THR C 91 -5.70 -32.58 -34.64
C THR C 91 -5.57 -32.63 -34.63
N ASP C 92 -5.16 -31.36 -34.68
CA ASP C 92 -5.16 -30.51 -33.49
C ASP C 92 -6.57 -30.14 -33.06
N ALA C 93 -7.53 -30.18 -33.98
CA ALA C 93 -8.92 -29.87 -33.66
C ALA C 93 -9.60 -30.97 -32.86
N GLU C 94 -9.01 -32.16 -32.80
CA GLU C 94 -9.67 -33.31 -32.19
C GLU C 94 -9.57 -33.21 -30.67
N LEU C 95 -10.70 -32.91 -30.02
CA LEU C 95 -10.75 -32.84 -28.56
C LEU C 95 -11.20 -34.15 -27.91
N SER C 96 -11.82 -35.06 -28.65
CA SER C 96 -12.14 -36.36 -28.10
C SER C 96 -10.86 -37.13 -27.83
N PHE C 97 -10.68 -37.57 -26.58
CA PHE C 97 -9.50 -38.33 -26.24
C PHE C 97 -9.55 -39.69 -26.92
N PRO C 98 -8.39 -40.25 -27.33
CA PRO C 98 -7.02 -39.82 -27.03
C PRO C 98 -6.44 -38.72 -27.93
N GLY C 99 -7.27 -37.93 -28.60
CA GLY C 99 -6.81 -36.86 -29.47
C GLY C 99 -5.74 -35.98 -28.86
N PRO C 100 -6.08 -35.25 -27.79
CA PRO C 100 -5.09 -34.37 -27.17
C PRO C 100 -3.87 -35.12 -26.64
N ALA C 101 -4.07 -36.33 -26.13
CA ALA C 101 -2.94 -37.14 -25.63
C ALA C 101 -1.95 -37.44 -26.75
N LYS C 102 -2.44 -37.88 -27.91
CA LYS C 102 -1.55 -38.11 -29.05
C LYS C 102 -0.87 -36.81 -29.49
N THR C 103 -1.63 -35.72 -29.52
CA THR C 103 -1.12 -34.45 -30.04
C THR C 103 0.13 -33.99 -29.29
N PHE C 104 0.15 -34.16 -27.97
CA PHE C 104 1.24 -33.64 -27.15
C PHE C 104 2.32 -34.68 -26.84
N SER C 105 2.19 -35.91 -27.36
CA SER C 105 3.14 -36.96 -26.99
C SER C 105 4.54 -36.68 -27.55
N CYS C 106 4.62 -36.25 -28.81
CA CYS C 106 5.92 -35.99 -29.40
C CYS C 106 6.66 -34.87 -28.69
N ALA C 107 5.96 -33.79 -28.34
CA ALA C 107 6.59 -32.72 -27.57
C ALA C 107 7.01 -33.21 -26.18
N LEU C 108 6.26 -34.14 -25.59
CA LEU C 108 6.62 -34.65 -24.27
C LEU C 108 7.81 -35.60 -24.34
N GLY C 109 7.98 -36.29 -25.46
CA GLY C 109 9.03 -37.30 -25.58
C GLY C 109 8.61 -38.69 -25.15
N THR C 110 7.35 -38.88 -24.77
CA THR C 110 6.85 -40.21 -24.43
C THR C 110 5.36 -40.22 -24.69
N GLN C 111 4.81 -41.42 -24.84
CA GLN C 111 3.40 -41.56 -25.17
C GLN C 111 2.54 -41.27 -23.95
N ILE C 112 1.55 -40.41 -24.13
CA ILE C 112 0.54 -40.14 -23.12
C ILE C 112 -0.61 -41.12 -23.33
N SER C 113 -0.82 -42.03 -22.38
CA SER C 113 -1.87 -43.02 -22.51
C SER C 113 -2.36 -43.43 -21.12
N GLU C 114 -3.54 -44.06 -21.09
CA GLU C 114 -4.05 -44.61 -19.84
C GLU C 114 -3.11 -45.68 -19.29
N LYS C 115 -2.52 -46.48 -20.17
CA LYS C 115 -1.65 -47.57 -19.72
C LYS C 115 -0.36 -47.03 -19.13
N SER C 116 0.26 -46.05 -19.77
CA SER C 116 1.58 -45.60 -19.36
C SER C 116 1.53 -44.42 -18.40
N THR C 117 0.63 -43.47 -18.63
CA THR C 117 0.52 -42.25 -17.80
C THR C 117 -0.94 -42.03 -17.41
N PRO C 118 -1.53 -42.92 -16.60
CA PRO C 118 -2.97 -42.79 -16.28
C PRO C 118 -3.33 -41.47 -15.63
N HIS C 119 -2.52 -40.97 -14.68
CA HIS C 119 -2.85 -39.73 -14.01
C HIS C 119 -2.69 -38.53 -14.93
N LEU C 120 -1.67 -38.53 -15.79
CA LEU C 120 -1.54 -37.45 -16.77
C LEU C 120 -2.69 -37.47 -17.76
N TYR C 121 -3.08 -38.67 -18.20
CA TYR C 121 -4.22 -38.82 -19.08
C TYR C 121 -5.48 -38.24 -18.45
N THR C 122 -5.75 -38.63 -17.19
CA THR C 122 -6.89 -38.07 -16.46
C THR C 122 -6.78 -36.56 -16.33
N LEU C 123 -5.58 -36.07 -15.96
CA LEU C 123 -5.40 -34.63 -15.81
C LEU C 123 -5.72 -33.88 -17.10
N MET C 124 -5.31 -34.40 -18.25
CA MET C 124 -5.60 -33.72 -19.50
C MET C 124 -7.10 -33.71 -19.79
N GLN C 125 -7.79 -34.82 -19.49
CA GLN C 125 -9.22 -34.87 -19.70
C GLN C 125 -9.96 -33.86 -18.82
N ARG C 126 -9.60 -33.81 -17.55
CA ARG C 126 -10.32 -32.94 -16.62
C ARG C 126 -9.97 -31.47 -16.87
N THR C 127 -8.71 -31.18 -17.20
CA THR C 127 -8.35 -29.79 -17.49
C THR C 127 -8.93 -29.30 -18.80
N LEU C 128 -9.25 -30.20 -19.74
CA LEU C 128 -10.00 -29.79 -20.92
C LEU C 128 -11.32 -29.15 -20.54
N THR C 129 -12.03 -29.75 -19.57
CA THR C 129 -13.27 -29.17 -19.10
C THR C 129 -13.04 -27.81 -18.44
N ASP C 130 -12.00 -27.71 -17.61
CA ASP C 130 -11.70 -26.46 -16.93
C ASP C 130 -11.32 -25.36 -17.90
N ALA C 131 -10.43 -25.66 -18.85
CA ALA C 131 -9.84 -24.64 -19.70
C ALA C 131 -10.59 -24.43 -21.02
N GLY C 132 -11.33 -25.43 -21.49
CA GLY C 132 -11.81 -25.43 -22.85
C GLY C 132 -13.11 -24.66 -23.00
N GLY C 133 -13.81 -24.94 -24.10
CA GLY C 133 -15.07 -24.29 -24.41
C GLY C 133 -16.22 -24.63 -23.47
N SER C 134 -16.07 -25.66 -22.63
CA SER C 134 -17.17 -26.08 -21.77
C SER C 134 -17.60 -24.97 -20.82
N THR C 135 -16.64 -24.18 -20.33
CA THR C 135 -16.95 -23.10 -19.40
C THR C 135 -17.45 -21.84 -20.10
N TYR C 136 -17.25 -21.73 -21.41
CA TYR C 136 -17.60 -20.54 -22.16
C TYR C 136 -19.10 -20.54 -22.49
N ALA C 137 -19.90 -20.19 -21.48
CA ALA C 137 -21.34 -20.07 -21.68
C ALA C 137 -21.64 -18.81 -22.49
N GLY C 138 -22.89 -18.73 -22.97
CA GLY C 138 -23.29 -17.56 -23.73
C GLY C 138 -23.62 -16.37 -22.86
N LYS C 139 -24.16 -16.60 -21.66
CA LYS C 139 -24.47 -15.52 -20.73
C LYS C 139 -23.19 -14.89 -20.24
N ASN C 140 -23.15 -13.55 -20.23
CA ASN C 140 -21.94 -12.81 -19.87
C ASN C 140 -20.77 -13.22 -20.77
N ALA C 141 -21.00 -13.17 -22.07
CA ALA C 141 -19.98 -13.47 -23.06
C ALA C 141 -20.36 -12.80 -24.36
N TYR C 142 -19.35 -12.42 -25.14
CA TYR C 142 -19.58 -11.91 -26.47
C TYR C 142 -19.91 -13.05 -27.42
N ASN C 143 -20.82 -12.79 -28.35
CA ASN C 143 -21.10 -13.74 -29.42
C ASN C 143 -20.13 -13.44 -30.57
N ARG C 144 -19.35 -14.44 -30.95
CA ARG C 144 -18.31 -14.29 -31.96
C ARG C 144 -18.70 -15.09 -33.20
N THR C 145 -18.89 -14.40 -34.32
CA THR C 145 -19.09 -15.09 -35.58
C THR C 145 -17.73 -15.54 -36.12
N ARG C 146 -17.57 -16.83 -36.36
CA ARG C 146 -16.28 -17.39 -36.73
C ARG C 146 -15.89 -16.98 -38.15
N PRO C 147 -14.58 -17.00 -38.45
CA PRO C 147 -14.15 -16.51 -39.78
C PRO C 147 -14.78 -17.25 -40.95
N PHE C 148 -14.86 -18.59 -40.89
CA PHE C 148 -15.39 -19.33 -42.02
C PHE C 148 -16.88 -19.07 -42.22
N VAL C 149 -17.60 -18.69 -41.17
CA VAL C 149 -19.00 -18.29 -41.34
C VAL C 149 -19.07 -16.89 -41.94
N VAL C 150 -18.28 -15.96 -41.41
CA VAL C 150 -18.26 -14.59 -41.93
C VAL C 150 -17.98 -14.58 -43.42
N HIS C 151 -17.02 -15.39 -43.87
CA HIS C 151 -16.57 -15.36 -45.26
C HIS C 151 -17.15 -16.51 -46.08
N ASP C 152 -18.17 -17.20 -45.56
CA ASP C 152 -18.82 -18.31 -46.26
CA ASP C 152 -18.83 -18.34 -46.23
C ASP C 152 -17.81 -19.19 -46.99
N GLU C 153 -16.88 -19.76 -46.22
CA GLU C 153 -15.84 -20.64 -46.75
C GLU C 153 -15.73 -21.86 -45.83
N GLY C 154 -14.82 -22.77 -46.19
CA GLY C 154 -14.65 -24.01 -45.46
C GLY C 154 -13.51 -23.97 -44.45
N THR C 155 -13.52 -24.95 -43.56
CA THR C 155 -12.45 -25.16 -42.57
C THR C 155 -11.67 -26.42 -42.91
N CYS C 156 -10.62 -26.67 -42.12
CA CYS C 156 -9.82 -27.87 -42.26
C CYS C 156 -10.51 -29.12 -41.72
N ARG C 157 -11.63 -28.97 -40.99
CA ARG C 157 -12.40 -30.10 -40.43
C ARG C 157 -13.86 -29.89 -40.82
N LYS C 158 -14.21 -30.30 -42.04
CA LYS C 158 -15.58 -30.14 -42.52
CA LYS C 158 -15.58 -30.13 -42.51
C LYS C 158 -16.58 -30.82 -41.59
N ASP C 159 -16.18 -31.92 -40.96
CA ASP C 159 -17.10 -32.68 -40.11
C ASP C 159 -17.49 -31.92 -38.85
N MET C 160 -16.65 -31.00 -38.38
CA MET C 160 -16.91 -30.28 -37.14
C MET C 160 -17.68 -28.99 -37.38
N GLU C 161 -17.91 -28.61 -38.63
CA GLU C 161 -18.55 -27.34 -38.98
C GLU C 161 -20.01 -27.23 -38.56
N PRO C 162 -20.86 -28.28 -38.73
CA PRO C 162 -22.25 -28.15 -38.24
C PRO C 162 -22.32 -27.73 -36.78
N LEU C 163 -21.37 -28.18 -35.96
CA LEU C 163 -21.30 -27.73 -34.57
C LEU C 163 -20.79 -26.30 -34.48
N LEU C 164 -19.69 -26.01 -35.18
CA LEU C 164 -19.05 -24.71 -35.06
C LEU C 164 -19.90 -23.56 -35.60
N ARG C 165 -20.69 -23.80 -36.66
CA ARG C 165 -21.48 -22.73 -37.26
CA ARG C 165 -21.46 -22.71 -37.27
C ARG C 165 -22.38 -22.06 -36.25
N THR C 166 -23.07 -22.87 -35.44
CA THR C 166 -23.95 -22.34 -34.41
C THR C 166 -23.21 -21.95 -33.13
N ASP C 167 -21.89 -22.12 -33.11
CA ASP C 167 -21.07 -21.88 -31.92
C ASP C 167 -20.38 -20.53 -32.05
N GLY C 168 -20.59 -19.66 -31.05
CA GLY C 168 -19.95 -18.36 -31.01
C GLY C 168 -19.10 -18.16 -29.76
N SER C 169 -18.37 -19.21 -29.38
CA SER C 169 -17.66 -19.23 -28.10
C SER C 169 -16.57 -18.16 -28.07
N TRP C 170 -16.41 -17.55 -26.90
CA TRP C 170 -15.45 -16.48 -26.70
C TRP C 170 -14.66 -16.75 -25.41
N PRO C 171 -13.33 -16.81 -25.49
CA PRO C 171 -12.50 -16.80 -26.70
C PRO C 171 -12.39 -18.20 -27.28
N SER C 172 -11.21 -18.56 -27.80
CA SER C 172 -10.99 -19.89 -28.37
C SER C 172 -10.68 -20.89 -27.26
N GLY C 173 -11.54 -21.91 -27.14
CA GLY C 173 -11.32 -22.93 -26.12
C GLY C 173 -10.16 -23.85 -26.42
N HIS C 174 -10.01 -24.25 -27.70
CA HIS C 174 -8.83 -25.02 -28.10
C HIS C 174 -7.55 -24.29 -27.73
N SER C 175 -7.51 -22.98 -27.98
CA SER C 175 -6.33 -22.20 -27.65
C SER C 175 -6.06 -22.21 -26.15
N ALA C 176 -7.10 -22.00 -25.35
CA ALA C 176 -6.95 -21.99 -23.90
C ALA C 176 -6.43 -23.34 -23.40
N ALA C 177 -7.05 -24.43 -23.87
CA ALA C 177 -6.65 -25.77 -23.45
C ALA C 177 -5.22 -26.09 -23.90
N GLY C 178 -4.88 -25.71 -25.14
CA GLY C 178 -3.53 -25.95 -25.63
C GLY C 178 -2.47 -25.28 -24.78
N TRP C 179 -2.68 -24.01 -24.46
CA TRP C 179 -1.70 -23.27 -23.65
C TRP C 179 -1.68 -23.78 -22.22
N ALA C 180 -2.85 -24.10 -21.66
CA ALA C 180 -2.89 -24.71 -20.35
C ALA C 180 -2.14 -26.04 -20.33
N TRP C 181 -2.37 -26.88 -21.34
CA TRP C 181 -1.65 -28.14 -21.43
C TRP C 181 -0.16 -27.91 -21.56
N GLY C 182 0.23 -26.96 -22.40
CA GLY C 182 1.65 -26.65 -22.55
C GLY C 182 2.31 -26.22 -21.25
N LEU C 183 1.62 -25.39 -20.48
CA LEU C 183 2.20 -24.87 -19.24
C LEU C 183 2.26 -25.96 -18.16
N VAL C 184 1.23 -26.79 -18.07
CA VAL C 184 1.24 -27.86 -17.08
C VAL C 184 2.26 -28.93 -17.46
N LEU C 185 2.23 -29.36 -18.72
CA LEU C 185 3.17 -30.39 -19.18
C LEU C 185 4.61 -29.90 -19.05
N ALA C 186 4.86 -28.61 -19.33
CA ALA C 186 6.21 -28.09 -19.20
C ALA C 186 6.71 -28.18 -17.76
N GLU C 187 5.80 -27.95 -16.80
CA GLU C 187 6.14 -28.17 -15.40
C GLU C 187 6.36 -29.67 -15.12
N ILE C 188 5.57 -30.52 -15.77
CA ILE C 188 5.69 -31.96 -15.54
C ILE C 188 7.05 -32.47 -16.03
N SER C 189 7.50 -32.01 -17.20
CA SER C 189 8.76 -32.43 -17.79
C SER C 189 9.57 -31.20 -18.16
N PRO C 190 10.23 -30.57 -17.16
CA PRO C 190 10.94 -29.31 -17.44
C PRO C 190 12.03 -29.44 -18.50
N ALA C 191 12.60 -30.64 -18.67
CA ALA C 191 13.63 -30.81 -19.69
C ALA C 191 13.09 -30.58 -21.10
N ARG C 192 11.77 -30.65 -21.26
CA ARG C 192 11.17 -30.40 -22.56
C ARG C 192 10.21 -29.21 -22.49
N ALA C 193 10.52 -28.25 -21.62
CA ALA C 193 9.64 -27.10 -21.39
C ALA C 193 9.41 -26.31 -22.67
N THR C 194 10.47 -26.03 -23.42
CA THR C 194 10.33 -25.22 -24.63
C THR C 194 9.47 -25.95 -25.66
N GLU C 195 9.78 -27.21 -25.93
CA GLU C 195 9.00 -27.99 -26.89
C GLU C 195 7.53 -28.01 -26.51
N LEU C 196 7.23 -28.20 -25.22
CA LEU C 196 5.85 -28.36 -24.80
C LEU C 196 5.08 -27.04 -24.87
N MET C 197 5.70 -25.94 -24.45
CA MET C 197 5.02 -24.65 -24.50
C MET C 197 4.87 -24.16 -25.94
N THR C 198 5.88 -24.38 -26.78
CA THR C 198 5.75 -24.10 -28.20
C THR C 198 4.61 -24.91 -28.81
N ARG C 199 4.52 -26.20 -28.47
CA ARG C 199 3.47 -27.05 -29.01
C ARG C 199 2.09 -26.58 -28.56
N GLY C 200 1.97 -26.13 -27.30
CA GLY C 200 0.70 -25.62 -26.82
C GLY C 200 0.29 -24.33 -27.50
N LEU C 201 1.26 -23.48 -27.86
CA LEU C 201 0.97 -22.28 -28.63
C LEU C 201 0.57 -22.64 -30.06
N ALA C 202 1.28 -23.59 -30.67
CA ALA C 202 0.91 -24.02 -32.01
C ALA C 202 -0.48 -24.63 -32.03
N TYR C 203 -0.88 -25.28 -30.93
CA TYR C 203 -2.21 -25.87 -30.83
C TYR C 203 -3.29 -24.79 -30.97
N GLY C 204 -3.09 -23.64 -30.34
CA GLY C 204 -4.03 -22.54 -30.53
C GLY C 204 -3.95 -21.96 -31.92
N GLN C 205 -2.74 -21.83 -32.46
CA GLN C 205 -2.58 -21.29 -33.81
C GLN C 205 -3.25 -22.18 -34.86
N SER C 206 -3.36 -23.49 -34.58
CA SER C 206 -4.07 -24.39 -35.48
C SER C 206 -5.50 -23.95 -35.74
N ARG C 207 -6.12 -23.24 -34.78
CA ARG C 207 -7.49 -22.77 -35.00
C ARG C 207 -7.55 -21.67 -36.04
N VAL C 208 -6.52 -20.84 -36.12
CA VAL C 208 -6.46 -19.84 -37.19
C VAL C 208 -6.19 -20.53 -38.53
N ILE C 209 -5.23 -21.46 -38.54
CA ILE C 209 -4.90 -22.18 -39.77
C ILE C 209 -6.10 -22.99 -40.26
N CYS C 210 -6.90 -23.52 -39.33
CA CYS C 210 -8.09 -24.26 -39.70
C CYS C 210 -9.22 -23.34 -40.16
N ASP C 211 -9.06 -22.03 -40.02
CA ASP C 211 -10.11 -21.04 -40.32
C ASP C 211 -11.30 -21.22 -39.38
N ALA C 212 -11.06 -21.78 -38.21
CA ALA C 212 -12.12 -22.02 -37.24
C ALA C 212 -12.35 -20.83 -36.31
N HIS C 213 -11.30 -20.08 -35.98
CA HIS C 213 -11.49 -18.93 -35.11
C HIS C 213 -10.50 -17.83 -35.49
N TRP C 214 -10.74 -16.64 -34.95
CA TRP C 214 -9.92 -15.48 -35.25
C TRP C 214 -8.65 -15.49 -34.40
N GLN C 215 -7.63 -14.78 -34.90
CA GLN C 215 -6.38 -14.65 -34.15
C GLN C 215 -6.61 -14.05 -32.76
N SER C 216 -7.45 -13.02 -32.66
CA SER C 216 -7.67 -12.37 -31.37
C SER C 216 -8.28 -13.34 -30.36
N ASP C 217 -9.14 -14.25 -30.81
CA ASP C 217 -9.74 -15.21 -29.89
C ASP C 217 -8.73 -16.28 -29.48
N VAL C 218 -7.79 -16.61 -30.37
CA VAL C 218 -6.69 -17.49 -29.99
C VAL C 218 -5.78 -16.80 -28.98
N ASP C 219 -5.47 -15.52 -29.21
CA ASP C 219 -4.65 -14.77 -28.27
C ASP C 219 -5.32 -14.69 -26.91
N ALA C 220 -6.61 -14.33 -26.89
CA ALA C 220 -7.35 -14.24 -25.64
C ALA C 220 -7.48 -15.60 -24.98
N GLY C 221 -7.56 -16.67 -25.78
CA GLY C 221 -7.57 -18.01 -25.21
C GLY C 221 -6.38 -18.29 -24.32
N ARG C 222 -5.21 -17.77 -24.70
CA ARG C 222 -4.01 -18.01 -23.90
C ARG C 222 -4.05 -17.27 -22.57
N ILE C 223 -4.74 -16.13 -22.51
CA ILE C 223 -4.94 -15.46 -21.23
C ILE C 223 -5.76 -16.36 -20.31
N MET C 224 -6.85 -16.91 -20.84
CA MET C 224 -7.68 -17.81 -20.05
C MET C 224 -6.93 -19.10 -19.70
N GLY C 225 -6.13 -19.61 -20.64
CA GLY C 225 -5.40 -20.83 -20.36
C GLY C 225 -4.41 -20.69 -19.23
N ALA C 226 -3.64 -19.60 -19.23
CA ALA C 226 -2.70 -19.35 -18.14
C ALA C 226 -3.43 -19.10 -16.84
N ALA C 227 -4.51 -18.32 -16.88
CA ALA C 227 -5.29 -18.04 -15.68
C ALA C 227 -5.86 -19.32 -15.08
N THR C 228 -6.37 -20.22 -15.93
CA THR C 228 -6.93 -21.47 -15.45
C THR C 228 -5.85 -22.32 -14.76
N VAL C 229 -4.63 -22.30 -15.31
CA VAL C 229 -3.54 -23.04 -14.70
C VAL C 229 -3.24 -22.51 -13.31
N ALA C 230 -3.28 -21.19 -13.15
CA ALA C 230 -3.07 -20.61 -11.82
C ALA C 230 -4.14 -21.09 -10.84
N SER C 231 -5.41 -21.10 -11.26
CA SER C 231 -6.46 -21.61 -10.40
C SER C 231 -6.27 -23.08 -10.10
N LEU C 232 -5.86 -23.87 -11.10
CA LEU C 232 -5.65 -25.30 -10.88
C LEU C 232 -4.62 -25.56 -9.81
N HIS C 233 -3.59 -24.71 -9.74
CA HIS C 233 -2.56 -24.89 -8.72
C HIS C 233 -3.05 -24.58 -7.31
N GLY C 234 -4.26 -24.05 -7.17
CA GLY C 234 -4.94 -23.94 -5.89
C GLY C 234 -5.85 -25.09 -5.55
N ASN C 235 -5.95 -26.09 -6.44
CA ASN C 235 -6.89 -27.20 -6.31
C ASN C 235 -6.15 -28.47 -5.89
N PRO C 236 -6.43 -29.02 -4.71
CA PRO C 236 -5.68 -30.20 -4.26
C PRO C 236 -5.85 -31.42 -5.15
N ALA C 237 -7.01 -31.60 -5.78
CA ALA C 237 -7.19 -32.76 -6.64
C ALA C 237 -6.27 -32.67 -7.86
N PHE C 238 -6.21 -31.50 -8.50
CA PHE C 238 -5.29 -31.28 -9.60
C PHE C 238 -3.84 -31.51 -9.17
N LEU C 239 -3.47 -30.98 -8.00
CA LEU C 239 -2.08 -31.08 -7.55
C LEU C 239 -1.68 -32.54 -7.33
N ALA C 240 -2.61 -33.36 -6.82
CA ALA C 240 -2.30 -34.77 -6.61
C ALA C 240 -2.08 -35.48 -7.93
N ASP C 241 -2.93 -35.22 -8.92
CA ASP C 241 -2.74 -35.82 -10.23
C ASP C 241 -1.47 -35.29 -10.89
N LEU C 242 -1.16 -34.01 -10.65
CA LEU C 242 0.06 -33.41 -11.18
C LEU C 242 1.30 -34.11 -10.64
N ALA C 243 1.34 -34.34 -9.32
CA ALA C 243 2.47 -35.02 -8.71
C ALA C 243 2.63 -36.43 -9.25
N ALA C 244 1.51 -37.15 -9.41
CA ALA C 244 1.57 -38.50 -9.95
C ALA C 244 2.01 -38.49 -11.41
N ALA C 245 1.56 -37.51 -12.18
CA ALA C 245 1.95 -37.42 -13.58
C ALA C 245 3.44 -37.20 -13.73
N LYS C 246 4.04 -36.42 -12.82
CA LYS C 246 5.48 -36.20 -12.88
C LYS C 246 6.24 -37.50 -12.72
N GLU C 247 5.79 -38.37 -11.82
CA GLU C 247 6.43 -39.67 -11.63
C GLU C 247 6.19 -40.59 -12.82
N GLU C 248 4.98 -40.55 -13.38
CA GLU C 248 4.69 -41.36 -14.56
C GLU C 248 5.59 -40.98 -15.73
N VAL C 249 5.75 -39.68 -15.98
CA VAL C 249 6.57 -39.24 -17.11
C VAL C 249 8.03 -39.57 -16.86
N LYS C 250 8.50 -39.37 -15.62
CA LYS C 250 9.87 -39.74 -15.27
C LYS C 250 10.11 -41.24 -15.51
N ALA C 251 9.16 -42.08 -15.08
CA ALA C 251 9.29 -43.52 -15.25
C ALA C 251 9.30 -43.90 -16.73
N ALA C 252 8.42 -43.30 -17.52
CA ALA C 252 8.32 -43.65 -18.94
C ALA C 252 9.59 -43.25 -19.69
N GLN C 253 10.10 -42.04 -19.43
CA GLN C 253 11.28 -41.57 -20.13
C GLN C 253 12.52 -42.33 -19.69
N GLN C 254 12.61 -42.68 -18.41
CA GLN C 254 13.76 -43.45 -17.92
C GLN C 254 13.74 -44.87 -18.46
N ALA C 255 12.56 -45.43 -18.67
CA ALA C 255 12.39 -46.74 -19.29
C ALA C 255 12.52 -46.71 -20.81
N GLY C 256 12.73 -45.53 -21.39
CA GLY C 256 12.93 -45.41 -22.83
C GLY C 256 11.69 -45.56 -23.69
N LEU C 257 10.50 -45.28 -23.16
CA LEU C 257 9.29 -45.36 -23.96
C LEU C 257 9.21 -44.13 -24.85
N LYS C 258 9.34 -44.32 -26.15
CA LYS C 258 9.23 -43.24 -27.11
C LYS C 258 7.77 -43.05 -27.52
N PRO C 259 7.41 -41.86 -28.01
CA PRO C 259 6.05 -41.66 -28.51
C PRO C 259 5.69 -42.66 -29.60
N ALA C 260 4.42 -43.05 -29.60
CA ALA C 260 3.88 -43.91 -30.66
C ALA C 260 3.25 -43.09 -31.77
N GLU C 261 3.85 -41.92 -32.05
CA GLU C 261 3.40 -41.02 -33.09
C GLU C 261 4.53 -40.78 -34.07
N ASP C 262 4.19 -40.34 -35.28
CA ASP C 262 5.19 -39.99 -36.27
C ASP C 262 5.69 -38.60 -35.92
N CYS C 263 6.67 -38.55 -35.01
CA CYS C 263 7.18 -37.27 -34.54
C CYS C 263 7.96 -36.55 -35.63
N ALA C 264 8.59 -37.31 -36.53
CA ALA C 264 9.22 -36.70 -37.70
C ALA C 264 8.21 -35.91 -38.52
N ALA C 265 7.07 -36.54 -38.84
CA ALA C 265 6.07 -35.89 -39.67
C ALA C 265 5.46 -34.67 -38.97
N GLU C 266 5.23 -34.77 -37.66
CA GLU C 266 4.71 -33.62 -36.92
C GLU C 266 5.71 -32.49 -36.89
N GLY C 267 7.00 -32.81 -36.72
CA GLY C 267 8.03 -31.78 -36.76
C GLY C 267 8.06 -31.04 -38.08
N VAL C 268 7.96 -31.78 -39.18
CA VAL C 268 7.92 -31.14 -40.50
C VAL C 268 6.71 -30.23 -40.61
N ALA C 269 5.54 -30.75 -40.22
CA ALA C 269 4.31 -29.95 -40.31
C ALA C 269 4.44 -28.67 -39.49
N LEU C 270 5.13 -28.74 -38.35
CA LEU C 270 5.30 -27.59 -37.48
C LEU C 270 6.31 -26.60 -38.01
N GLY C 271 7.20 -27.02 -38.90
CA GLY C 271 8.24 -26.16 -39.44
C GLY C 271 9.44 -26.03 -38.53
N LEU C 272 9.21 -26.11 -37.21
CA LEU C 272 10.26 -25.96 -36.22
C LEU C 272 11.14 -24.75 -36.52
N THR C 273 12.43 -24.99 -36.79
CA THR C 273 13.42 -23.93 -36.95
C THR C 273 13.27 -22.89 -35.85
N GLN C 274 13.18 -23.40 -34.61
CA GLN C 274 12.88 -22.59 -33.45
C GLN C 274 14.03 -21.66 -33.10
N LYS D 38 -8.08 40.67 9.77
CA LYS D 38 -6.91 40.38 10.58
C LYS D 38 -6.73 38.87 10.75
N LEU D 39 -7.84 38.16 10.96
CA LEU D 39 -7.84 36.71 11.13
C LEU D 39 -8.81 36.10 10.13
N ALA D 40 -8.37 35.02 9.48
CA ALA D 40 -9.24 34.26 8.59
C ALA D 40 -10.28 33.49 9.40
N PRO D 41 -11.40 33.13 8.77
CA PRO D 41 -12.39 32.31 9.48
C PRO D 41 -11.82 30.94 9.83
N GLY D 42 -12.00 30.54 11.09
CA GLY D 42 -11.65 29.20 11.49
C GLY D 42 -12.59 28.15 10.90
N TYR D 43 -12.08 26.93 10.80
CA TYR D 43 -12.94 25.81 10.40
C TYR D 43 -13.98 25.50 11.45
N LEU D 44 -13.59 25.57 12.73
CA LEU D 44 -14.39 25.06 13.83
C LEU D 44 -15.31 26.15 14.39
N GLU D 45 -16.55 25.75 14.65
CA GLU D 45 -17.44 26.58 15.45
C GLU D 45 -16.97 26.60 16.90
N PRO D 46 -17.29 27.67 17.63
CA PRO D 46 -16.83 27.77 19.03
C PRO D 46 -17.15 26.56 19.88
N ALA D 47 -18.34 25.98 19.73
CA ALA D 47 -18.72 24.82 20.54
C ALA D 47 -17.90 23.60 20.21
N ASP D 48 -17.20 23.58 19.07
CA ASP D 48 -16.40 22.44 18.67
C ASP D 48 -14.92 22.62 18.94
N LEU D 49 -14.53 23.74 19.54
CA LEU D 49 -13.14 23.93 19.94
C LEU D 49 -12.83 23.07 21.16
N PRO D 50 -11.65 22.46 21.22
CA PRO D 50 -11.25 21.74 22.44
C PRO D 50 -11.25 22.68 23.64
N VAL D 51 -11.66 22.15 24.78
CA VAL D 51 -11.89 22.95 25.97
C VAL D 51 -10.60 22.98 26.78
N ARG D 52 -9.92 24.14 26.79
CA ARG D 52 -8.66 24.28 27.51
C ARG D 52 -8.77 23.81 28.94
N LEU D 53 -9.85 24.22 29.61
CA LEU D 53 -9.98 23.95 31.04
C LEU D 53 -9.97 22.45 31.32
N ALA D 54 -10.58 21.66 30.43
CA ALA D 54 -10.61 20.21 30.62
C ALA D 54 -9.29 19.54 30.29
N LEU D 55 -8.55 20.06 29.30
CA LEU D 55 -7.37 19.38 28.78
C LEU D 55 -6.08 19.78 29.48
N LEU D 56 -6.03 20.96 30.09
CA LEU D 56 -4.79 21.48 30.65
C LEU D 56 -4.86 21.53 32.17
N GLY D 57 -3.70 21.34 32.79
CA GLY D 57 -3.57 21.60 34.21
C GLY D 57 -3.36 23.08 34.47
N ALA D 58 -3.38 23.42 35.76
CA ALA D 58 -3.08 24.80 36.14
C ALA D 58 -1.64 25.15 35.80
N PRO D 59 -1.35 26.43 35.55
CA PRO D 59 0.04 26.84 35.35
C PRO D 59 0.86 26.61 36.59
N PRO D 60 2.18 26.58 36.49
CA PRO D 60 3.02 26.39 37.68
C PRO D 60 2.69 27.40 38.76
N LYS D 61 2.49 26.91 39.99
CA LYS D 61 2.18 27.78 41.10
C LYS D 61 3.44 28.49 41.61
N PRO D 62 3.29 29.63 42.26
CA PRO D 62 4.45 30.30 42.87
C PRO D 62 5.14 29.39 43.88
N GLY D 63 6.47 29.48 43.90
CA GLY D 63 7.28 28.70 44.81
C GLY D 63 7.41 27.23 44.47
N SER D 64 6.90 26.80 43.33
CA SER D 64 6.92 25.38 42.97
C SER D 64 8.15 25.05 42.12
N ALA D 65 8.53 23.77 42.17
CA ALA D 65 9.58 23.27 41.26
C ALA D 65 9.16 23.40 39.81
N ALA D 66 7.86 23.30 39.52
CA ALA D 66 7.39 23.53 38.17
C ALA D 66 7.72 24.94 37.69
N LEU D 67 7.52 25.94 38.56
CA LEU D 67 7.92 27.30 38.23
C LEU D 67 9.44 27.42 38.13
N ALA D 68 10.16 26.74 39.03
CA ALA D 68 11.62 26.75 38.94
C ALA D 68 12.09 26.20 37.60
N ARG D 69 11.41 25.17 37.08
CA ARG D 69 11.75 24.65 35.77
C ARG D 69 11.53 25.68 34.67
N ASP D 70 10.47 26.48 34.77
CA ASP D 70 10.24 27.54 33.80
C ASP D 70 11.35 28.57 33.83
N GLU D 71 11.80 28.95 35.04
CA GLU D 71 12.90 29.91 35.14
C GLU D 71 14.20 29.32 34.61
N GLU D 72 14.44 28.03 34.88
CA GLU D 72 15.62 27.36 34.37
C GLU D 72 15.63 27.34 32.85
N ALA D 73 14.49 27.01 32.24
CA ALA D 73 14.40 27.02 30.79
C ALA D 73 14.56 28.43 30.24
N ARG D 74 14.03 29.43 30.95
CA ARG D 74 14.24 30.81 30.53
C ARG D 74 15.72 31.16 30.52
N ARG D 75 16.45 30.83 31.58
CA ARG D 75 17.87 31.18 31.65
C ARG D 75 18.65 30.49 30.55
N ALA D 76 18.37 29.21 30.29
CA ALA D 76 19.06 28.51 29.21
C ALA D 76 18.73 29.13 27.86
N ALA D 77 17.49 29.60 27.68
CA ALA D 77 17.10 30.22 26.42
C ALA D 77 17.78 31.57 26.22
N LEU D 78 17.87 32.37 27.28
CA LEU D 78 18.46 33.70 27.17
C LEU D 78 19.96 33.66 26.88
N ALA D 79 20.62 32.52 27.11
CA ALA D 79 22.01 32.36 26.70
C ALA D 79 22.16 32.46 25.18
N LEU D 80 21.11 32.20 24.42
CA LEU D 80 21.12 32.27 22.98
C LEU D 80 20.84 33.69 22.47
N ARG D 81 20.76 34.67 23.36
CA ARG D 81 20.55 36.05 22.94
C ARG D 81 21.67 36.51 22.02
N GLY D 82 21.30 37.09 20.89
CA GLY D 82 22.27 37.52 19.90
C GLY D 82 22.64 36.46 18.88
N SER D 83 22.11 35.24 19.01
CA SER D 83 22.50 34.15 18.14
C SER D 83 21.58 34.06 16.92
N SER D 84 22.00 33.25 15.94
CA SER D 84 21.15 32.97 14.78
C SER D 84 19.88 32.23 15.19
N ARG D 85 19.95 31.38 16.21
CA ARG D 85 18.74 30.72 16.70
C ARG D 85 17.74 31.74 17.21
N GLU D 86 18.23 32.80 17.87
CA GLU D 86 17.33 33.86 18.31
C GLU D 86 16.71 34.58 17.13
N LYS D 87 17.51 34.84 16.09
CA LYS D 87 17.00 35.52 14.92
C LYS D 87 15.93 34.68 14.22
N LEU D 88 16.11 33.36 14.17
CA LEU D 88 15.06 32.50 13.64
C LEU D 88 13.82 32.52 14.52
N ALA D 89 14.00 32.64 15.84
CA ALA D 89 12.85 32.80 16.74
C ALA D 89 12.10 34.08 16.44
N ALA D 90 12.80 35.10 15.93
CA ALA D 90 12.15 36.36 15.60
C ALA D 90 11.22 36.21 14.40
N THR D 91 11.65 35.49 13.36
CA THR D 91 10.78 35.25 12.22
C THR D 91 9.72 34.20 12.52
N ASP D 92 10.01 33.27 13.44
CA ASP D 92 8.99 32.35 13.91
C ASP D 92 7.84 33.06 14.61
N ALA D 93 8.08 34.26 15.13
CA ALA D 93 7.03 35.01 15.81
C ALA D 93 5.99 35.57 14.84
N GLU D 94 6.27 35.57 13.54
CA GLU D 94 5.38 36.20 12.57
C GLU D 94 4.19 35.29 12.30
N LEU D 95 3.02 35.66 12.81
CA LEU D 95 1.81 34.90 12.54
C LEU D 95 1.03 35.44 11.36
N SER D 96 1.27 36.69 10.97
CA SER D 96 0.66 37.25 9.77
C SER D 96 1.22 36.54 8.54
N PHE D 97 0.33 35.99 7.73
CA PHE D 97 0.75 35.31 6.52
C PHE D 97 1.30 36.32 5.51
N PRO D 98 2.29 35.91 4.69
CA PRO D 98 2.81 34.56 4.48
C PRO D 98 3.87 34.07 5.47
N GLY D 99 3.95 34.66 6.67
CA GLY D 99 4.92 34.26 7.67
C GLY D 99 5.01 32.77 7.92
N PRO D 100 3.92 32.16 8.41
CA PRO D 100 3.96 30.71 8.69
C PRO D 100 4.22 29.85 7.46
N ALA D 101 3.66 30.24 6.31
CA ALA D 101 3.89 29.46 5.09
C ALA D 101 5.38 29.41 4.75
N LYS D 102 6.04 30.56 4.80
CA LYS D 102 7.48 30.61 4.56
C LYS D 102 8.23 29.81 5.62
N THR D 103 7.83 29.94 6.88
CA THR D 103 8.54 29.28 7.98
C THR D 103 8.57 27.76 7.81
N PHE D 104 7.46 27.18 7.32
CA PHE D 104 7.38 25.73 7.21
C PHE D 104 7.76 25.22 5.82
N SER D 105 8.16 26.09 4.89
CA SER D 105 8.44 25.67 3.52
C SER D 105 9.65 24.75 3.45
N CYS D 106 10.74 25.11 4.15
CA CYS D 106 11.94 24.30 4.08
C CYS D 106 11.70 22.89 4.62
N ALA D 107 11.00 22.77 5.74
CA ALA D 107 10.69 21.45 6.27
C ALA D 107 9.78 20.65 5.34
N LEU D 108 8.90 21.34 4.60
CA LEU D 108 8.01 20.64 3.67
C LEU D 108 8.73 20.19 2.40
N GLY D 109 9.79 20.89 2.00
CA GLY D 109 10.48 20.60 0.76
C GLY D 109 9.93 21.33 -0.46
N THR D 110 8.95 22.19 -0.29
CA THR D 110 8.42 23.00 -1.38
C THR D 110 7.87 24.28 -0.79
N GLN D 111 7.78 25.31 -1.63
CA GLN D 111 7.32 26.61 -1.16
C GLN D 111 5.82 26.58 -0.95
N ILE D 112 5.38 27.02 0.23
CA ILE D 112 3.96 27.14 0.54
C ILE D 112 3.53 28.53 0.11
N SER D 113 2.69 28.61 -0.91
CA SER D 113 2.24 29.90 -1.43
C SER D 113 0.85 29.76 -2.02
N GLU D 114 0.17 30.89 -2.17
CA GLU D 114 -1.11 30.90 -2.85
C GLU D 114 -0.97 30.46 -4.30
N LYS D 115 0.18 30.75 -4.91
CA LYS D 115 0.38 30.46 -6.32
C LYS D 115 0.50 28.96 -6.58
N SER D 116 1.23 28.26 -5.73
CA SER D 116 1.56 26.84 -5.94
C SER D 116 0.70 25.90 -5.11
N THR D 117 0.40 26.24 -3.86
CA THR D 117 -0.38 25.39 -2.96
C THR D 117 -1.49 26.21 -2.32
N PRO D 118 -2.47 26.67 -3.11
CA PRO D 118 -3.51 27.56 -2.56
C PRO D 118 -4.30 26.93 -1.43
N HIS D 119 -4.70 25.66 -1.56
CA HIS D 119 -5.49 25.03 -0.51
C HIS D 119 -4.68 24.78 0.76
N LEU D 120 -3.39 24.44 0.61
CA LEU D 120 -2.56 24.33 1.79
C LEU D 120 -2.38 25.69 2.46
N TYR D 121 -2.16 26.74 1.66
CA TYR D 121 -2.08 28.09 2.19
C TYR D 121 -3.34 28.45 2.95
N THR D 122 -4.50 28.21 2.34
CA THR D 122 -5.78 28.47 2.99
C THR D 122 -5.92 27.65 4.28
N LEU D 123 -5.60 26.35 4.21
CA LEU D 123 -5.71 25.50 5.38
C LEU D 123 -4.87 26.02 6.54
N MET D 124 -3.65 26.46 6.24
CA MET D 124 -2.78 26.98 7.30
C MET D 124 -3.34 28.27 7.89
N GLN D 125 -3.90 29.15 7.05
CA GLN D 125 -4.51 30.39 7.57
C GLN D 125 -5.67 30.07 8.49
N ARG D 126 -6.56 29.17 8.07
CA ARG D 126 -7.76 28.91 8.84
C ARG D 126 -7.45 28.15 10.12
N THR D 127 -6.49 27.21 10.07
CA THR D 127 -6.12 26.48 11.27
C THR D 127 -5.39 27.36 12.28
N LEU D 128 -4.76 28.45 11.82
CA LEU D 128 -4.21 29.43 12.75
C LEU D 128 -5.29 29.99 13.65
N THR D 129 -6.45 30.32 13.08
CA THR D 129 -7.57 30.82 13.88
C THR D 129 -8.07 29.74 14.84
N ASP D 130 -8.20 28.50 14.36
CA ASP D 130 -8.69 27.41 15.20
C ASP D 130 -7.73 27.13 16.35
N ALA D 131 -6.44 27.00 16.06
CA ALA D 131 -5.49 26.52 17.04
C ALA D 131 -4.81 27.63 17.83
N GLY D 132 -4.74 28.84 17.30
CA GLY D 132 -3.87 29.86 17.84
C GLY D 132 -4.50 30.61 19.00
N GLY D 133 -3.84 31.68 19.40
CA GLY D 133 -4.28 32.53 20.50
C GLY D 133 -5.61 33.23 20.28
N SER D 134 -6.12 33.26 19.04
CA SER D 134 -7.38 33.96 18.78
C SER D 134 -8.58 33.28 19.43
N THR D 135 -8.45 32.00 19.81
CA THR D 135 -9.49 31.32 20.57
C THR D 135 -9.29 31.45 22.07
N TYR D 136 -8.10 31.87 22.51
CA TYR D 136 -7.77 32.03 23.92
C TYR D 136 -8.34 33.38 24.36
N ALA D 137 -9.65 33.37 24.67
CA ALA D 137 -10.33 34.61 25.01
C ALA D 137 -9.88 35.19 26.35
N GLY D 138 -9.73 34.34 27.37
CA GLY D 138 -9.35 34.76 28.70
C GLY D 138 -10.44 34.52 29.73
N LYS D 139 -11.69 34.65 29.32
CA LYS D 139 -12.79 34.06 30.09
C LYS D 139 -12.63 32.56 30.07
N ASN D 140 -12.79 31.93 31.23
CA ASN D 140 -12.47 30.52 31.42
C ASN D 140 -10.99 30.26 31.11
N ALA D 141 -10.13 31.11 31.66
CA ALA D 141 -8.71 30.99 31.39
C ALA D 141 -7.91 31.65 32.49
N TYR D 142 -6.70 31.14 32.71
CA TYR D 142 -5.74 31.77 33.60
C TYR D 142 -5.11 32.97 32.91
N ASN D 143 -4.83 34.01 33.70
CA ASN D 143 -4.05 35.14 33.22
C ASN D 143 -2.58 34.84 33.46
N ARG D 144 -1.78 34.86 32.40
CA ARG D 144 -0.37 34.48 32.46
C ARG D 144 0.49 35.72 32.23
N THR D 145 1.29 36.08 33.23
CA THR D 145 2.26 37.15 33.05
C THR D 145 3.50 36.59 32.36
N ARG D 146 3.88 37.20 31.23
CA ARG D 146 4.93 36.67 30.38
C ARG D 146 6.31 36.88 31.00
N PRO D 147 7.29 36.05 30.61
CA PRO D 147 8.62 36.14 31.25
C PRO D 147 9.27 37.51 31.14
N PHE D 148 9.26 38.12 29.95
CA PHE D 148 9.93 39.40 29.78
C PHE D 148 9.25 40.50 30.59
N VAL D 149 7.96 40.35 30.91
CA VAL D 149 7.29 41.30 31.79
C VAL D 149 7.70 41.07 33.24
N VAL D 150 7.69 39.82 33.68
CA VAL D 150 8.08 39.49 35.04
C VAL D 150 9.48 40.03 35.35
N HIS D 151 10.41 39.86 34.42
CA HIS D 151 11.80 40.23 34.64
C HIS D 151 12.18 41.57 34.01
N ASP D 152 11.21 42.31 33.48
CA ASP D 152 11.43 43.66 32.96
C ASP D 152 12.61 43.69 31.99
N GLU D 153 12.53 42.84 30.98
CA GLU D 153 13.60 42.65 30.02
C GLU D 153 13.00 42.61 28.62
N GLY D 154 13.86 42.45 27.62
CA GLY D 154 13.43 42.49 26.24
C GLY D 154 13.19 41.12 25.63
N THR D 155 12.47 41.11 24.50
CA THR D 155 12.23 39.94 23.70
C THR D 155 13.00 40.03 22.39
N CYS D 156 12.92 38.96 21.61
CA CYS D 156 13.55 38.96 20.29
C CYS D 156 12.78 39.79 19.27
N ARG D 157 11.56 40.21 19.61
CA ARG D 157 10.71 41.04 18.73
C ARG D 157 10.23 42.25 19.53
N LYS D 158 11.06 43.28 19.62
CA LYS D 158 10.69 44.48 20.36
C LYS D 158 9.40 45.09 19.83
N ASP D 159 9.17 44.96 18.52
CA ASP D 159 8.00 45.58 17.90
C ASP D 159 6.70 44.95 18.39
N MET D 160 6.73 43.69 18.82
CA MET D 160 5.52 42.98 19.21
C MET D 160 5.23 43.10 20.70
N GLU D 161 6.11 43.71 21.48
CA GLU D 161 6.00 43.74 22.93
C GLU D 161 4.83 44.60 23.43
N PRO D 162 4.55 45.78 22.84
CA PRO D 162 3.39 46.55 23.33
C PRO D 162 2.10 45.77 23.35
N LEU D 163 1.88 44.88 22.36
CA LEU D 163 0.70 44.03 22.39
C LEU D 163 0.84 42.92 23.42
N LEU D 164 1.99 42.23 23.43
CA LEU D 164 2.18 41.09 24.33
C LEU D 164 2.19 41.50 25.80
N ARG D 165 2.48 42.76 26.11
CA ARG D 165 2.53 43.20 27.50
C ARG D 165 1.16 43.11 28.16
N THR D 166 0.11 43.46 27.43
CA THR D 166 -1.24 43.39 27.93
C THR D 166 -1.89 42.03 27.70
N ASP D 167 -1.15 41.09 27.10
CA ASP D 167 -1.67 39.79 26.72
C ASP D 167 -1.22 38.74 27.73
N GLY D 168 -2.17 38.01 28.29
CA GLY D 168 -1.85 36.93 29.21
C GLY D 168 -2.40 35.60 28.75
N SER D 169 -2.27 35.32 27.45
CA SER D 169 -2.94 34.16 26.86
C SER D 169 -2.40 32.85 27.41
N TRP D 170 -3.30 31.90 27.57
CA TRP D 170 -3.00 30.60 28.15
C TRP D 170 -3.59 29.53 27.25
N PRO D 171 -2.80 28.58 26.74
CA PRO D 171 -1.34 28.53 26.80
C PRO D 171 -0.72 29.34 25.67
N SER D 172 0.38 28.87 25.08
CA SER D 172 1.02 29.59 23.99
C SER D 172 0.32 29.28 22.67
N GLY D 173 -0.21 30.32 22.03
CA GLY D 173 -0.90 30.13 20.75
C GLY D 173 0.07 29.83 19.62
N HIS D 174 1.22 30.51 19.61
CA HIS D 174 2.26 30.16 18.65
C HIS D 174 2.63 28.69 18.75
N SER D 175 2.81 28.20 19.98
CA SER D 175 3.16 26.80 20.18
C SER D 175 2.07 25.88 19.67
N ALA D 176 0.81 26.19 20.00
CA ALA D 176 -0.30 25.37 19.54
C ALA D 176 -0.38 25.34 18.03
N ALA D 177 -0.29 26.51 17.39
CA ALA D 177 -0.35 26.56 15.93
C ALA D 177 0.83 25.85 15.30
N GLY D 178 2.03 26.03 15.86
CA GLY D 178 3.20 25.36 15.32
C GLY D 178 3.07 23.85 15.32
N TRP D 179 2.63 23.28 16.44
CA TRP D 179 2.51 21.83 16.53
C TRP D 179 1.37 21.33 15.64
N ALA D 180 0.24 22.06 15.61
CA ALA D 180 -0.85 21.70 14.73
C ALA D 180 -0.42 21.72 13.27
N TRP D 181 0.30 22.78 12.86
CA TRP D 181 0.83 22.83 11.50
C TRP D 181 1.79 21.68 11.24
N GLY D 182 2.67 21.39 12.21
CA GLY D 182 3.58 20.26 12.04
C GLY D 182 2.85 18.95 11.87
N LEU D 183 1.78 18.73 12.64
CA LEU D 183 1.06 17.46 12.59
C LEU D 183 0.25 17.35 11.30
N VAL D 184 -0.38 18.43 10.86
CA VAL D 184 -1.17 18.38 9.64
C VAL D 184 -0.26 18.21 8.42
N LEU D 185 0.79 19.03 8.34
CA LEU D 185 1.72 18.93 7.23
C LEU D 185 2.38 17.55 7.16
N ALA D 186 2.66 16.94 8.33
CA ALA D 186 3.27 15.62 8.34
C ALA D 186 2.36 14.58 7.68
N GLU D 187 1.04 14.69 7.90
CA GLU D 187 0.10 13.85 7.18
C GLU D 187 0.08 14.17 5.69
N ILE D 188 0.21 15.45 5.35
CA ILE D 188 0.17 15.86 3.94
C ILE D 188 1.37 15.30 3.19
N SER D 189 2.55 15.33 3.81
CA SER D 189 3.79 14.86 3.19
C SER D 189 4.42 13.86 4.14
N PRO D 190 3.92 12.61 4.16
CA PRO D 190 4.41 11.63 5.13
C PRO D 190 5.90 11.33 5.03
N ALA D 191 6.50 11.50 3.84
CA ALA D 191 7.93 11.26 3.68
C ALA D 191 8.78 12.24 4.46
N ARG D 192 8.22 13.39 4.86
CA ARG D 192 8.95 14.39 5.63
C ARG D 192 8.29 14.63 6.98
N ALA D 193 7.64 13.59 7.53
CA ALA D 193 6.85 13.75 8.75
C ALA D 193 7.71 14.22 9.91
N THR D 194 8.87 13.60 10.11
CA THR D 194 9.74 13.96 11.23
C THR D 194 10.30 15.38 11.08
N GLU D 195 10.71 15.76 9.87
CA GLU D 195 11.21 17.12 9.66
CA GLU D 195 11.21 17.12 9.67
C GLU D 195 10.12 18.16 9.93
N LEU D 196 8.89 17.85 9.55
CA LEU D 196 7.80 18.80 9.73
C LEU D 196 7.38 18.90 11.19
N MET D 197 7.32 17.76 11.88
CA MET D 197 6.97 17.77 13.29
C MET D 197 8.07 18.40 14.13
N THR D 198 9.34 18.12 13.82
CA THR D 198 10.44 18.81 14.48
C THR D 198 10.33 20.32 14.30
N ARG D 199 10.01 20.78 13.09
CA ARG D 199 9.89 22.21 12.84
C ARG D 199 8.74 22.82 13.64
N GLY D 200 7.62 22.09 13.74
CA GLY D 200 6.50 22.59 14.52
C GLY D 200 6.79 22.68 15.99
N LEU D 201 7.59 21.76 16.53
CA LEU D 201 8.01 21.86 17.92
C LEU D 201 8.99 23.01 18.11
N ALA D 202 9.95 23.16 17.18
CA ALA D 202 10.90 24.27 17.26
C ALA D 202 10.18 25.61 17.18
N TYR D 203 9.09 25.67 16.41
CA TYR D 203 8.28 26.88 16.32
C TYR D 203 7.73 27.29 17.68
N GLY D 204 7.24 26.32 18.46
CA GLY D 204 6.79 26.63 19.81
C GLY D 204 7.94 26.99 20.72
N GLN D 205 9.07 26.29 20.58
CA GLN D 205 10.24 26.57 21.40
C GLN D 205 10.79 27.96 21.15
N SER D 206 10.58 28.50 19.95
CA SER D 206 10.99 29.87 19.65
C SER D 206 10.39 30.87 20.60
N ARG D 207 9.23 30.57 21.19
CA ARG D 207 8.62 31.51 22.13
C ARG D 207 9.40 31.60 23.43
N VAL D 208 10.00 30.50 23.87
CA VAL D 208 10.90 30.56 25.02
C VAL D 208 12.19 31.26 24.65
N ILE D 209 12.74 30.92 23.48
CA ILE D 209 13.99 31.55 23.04
C ILE D 209 13.80 33.05 22.86
N CYS D 210 12.62 33.46 22.40
CA CYS D 210 12.29 34.86 22.25
C CYS D 210 11.98 35.55 23.57
N ASP D 211 11.85 34.78 24.66
CA ASP D 211 11.46 35.29 25.97
C ASP D 211 10.03 35.84 25.95
N ALA D 212 9.20 35.34 25.04
CA ALA D 212 7.81 35.80 24.94
C ALA D 212 6.87 34.99 25.81
N HIS D 213 7.13 33.71 26.04
CA HIS D 213 6.28 32.93 26.91
C HIS D 213 7.12 31.88 27.63
N TRP D 214 6.50 31.25 28.63
CA TRP D 214 7.15 30.27 29.48
C TRP D 214 7.16 28.88 28.83
N GLN D 215 8.08 28.05 29.29
CA GLN D 215 8.16 26.67 28.80
C GLN D 215 6.85 25.91 29.03
N SER D 216 6.27 26.06 30.23
CA SER D 216 5.05 25.32 30.54
C SER D 216 3.92 25.69 29.61
N ASP D 217 3.84 26.97 29.23
CA ASP D 217 2.81 27.40 28.30
C ASP D 217 3.10 26.94 26.88
N VAL D 218 4.38 26.78 26.53
CA VAL D 218 4.74 26.18 25.26
C VAL D 218 4.38 24.70 25.26
N ASP D 219 4.67 24.00 26.36
CA ASP D 219 4.31 22.59 26.48
C ASP D 219 2.80 22.42 26.39
N ALA D 220 2.06 23.22 27.15
CA ALA D 220 0.61 23.13 27.11
C ALA D 220 0.05 23.50 25.75
N GLY D 221 0.71 24.43 25.05
CA GLY D 221 0.29 24.77 23.70
C GLY D 221 0.22 23.55 22.79
N ARG D 222 1.15 22.61 22.95
CA ARG D 222 1.16 21.43 22.10
C ARG D 222 -0.01 20.49 22.40
N ILE D 223 -0.46 20.42 23.65
CA ILE D 223 -1.67 19.65 23.94
C ILE D 223 -2.86 20.22 23.18
N MET D 224 -3.02 21.55 23.24
CA MET D 224 -4.13 22.18 22.53
C MET D 224 -3.98 22.05 21.03
N GLY D 225 -2.74 22.15 20.52
CA GLY D 225 -2.53 22.02 19.09
C GLY D 225 -2.89 20.65 18.57
N ALA D 226 -2.47 19.60 19.27
CA ALA D 226 -2.82 18.24 18.88
C ALA D 226 -4.32 18.00 19.00
N ALA D 227 -4.92 18.51 20.08
CA ALA D 227 -6.36 18.38 20.25
C ALA D 227 -7.11 19.04 19.11
N THR D 228 -6.66 20.23 18.69
CA THR D 228 -7.32 20.95 17.61
C THR D 228 -7.26 20.16 16.31
N VAL D 229 -6.14 19.50 16.04
CA VAL D 229 -6.02 18.69 14.83
C VAL D 229 -7.02 17.54 14.83
N ALA D 230 -7.21 16.91 15.99
CA ALA D 230 -8.22 15.86 16.10
C ALA D 230 -9.61 16.40 15.79
N SER D 231 -9.94 17.56 16.35
CA SER D 231 -11.24 18.18 16.07
C SER D 231 -11.34 18.54 14.58
N LEU D 232 -10.27 19.04 14.00
CA LEU D 232 -10.29 19.43 12.59
C LEU D 232 -10.61 18.24 11.69
N HIS D 233 -10.16 17.04 12.05
CA HIS D 233 -10.44 15.87 11.22
C HIS D 233 -11.90 15.44 11.26
N GLY D 234 -12.71 16.01 12.13
CA GLY D 234 -14.15 15.83 12.10
C GLY D 234 -14.89 16.88 11.31
N ASN D 235 -14.16 17.84 10.74
CA ASN D 235 -14.76 19.00 10.07
C ASN D 235 -14.67 18.81 8.56
N PRO D 236 -15.81 18.77 7.86
CA PRO D 236 -15.76 18.50 6.41
C PRO D 236 -14.99 19.54 5.60
N ALA D 237 -15.04 20.81 6.00
CA ALA D 237 -14.31 21.85 5.26
C ALA D 237 -12.80 21.67 5.39
N PHE D 238 -12.31 21.42 6.60
CA PHE D 238 -10.89 21.13 6.79
C PHE D 238 -10.46 19.93 5.96
N LEU D 239 -11.27 18.86 5.96
CA LEU D 239 -10.90 17.64 5.26
C LEU D 239 -10.81 17.86 3.76
N ALA D 240 -11.69 18.69 3.20
CA ALA D 240 -11.64 18.96 1.76
C ALA D 240 -10.38 19.71 1.37
N ASP D 241 -9.99 20.72 2.16
CA ASP D 241 -8.74 21.42 1.91
C ASP D 241 -7.54 20.52 2.14
N LEU D 242 -7.63 19.60 3.11
CA LEU D 242 -6.54 18.66 3.36
C LEU D 242 -6.29 17.78 2.15
N ALA D 243 -7.36 17.23 1.57
CA ALA D 243 -7.22 16.37 0.40
C ALA D 243 -6.63 17.14 -0.78
N ALA D 244 -7.06 18.39 -0.96
CA ALA D 244 -6.51 19.21 -2.04
C ALA D 244 -5.04 19.56 -1.79
N ALA D 245 -4.69 19.83 -0.53
CA ALA D 245 -3.31 20.17 -0.20
C ALA D 245 -2.38 19.00 -0.50
N LYS D 246 -2.86 17.78 -0.27
CA LYS D 246 -2.04 16.60 -0.57
C LYS D 246 -1.68 16.53 -2.04
N GLU D 247 -2.63 16.82 -2.94
CA GLU D 247 -2.32 16.84 -4.37
C GLU D 247 -1.44 18.03 -4.73
N GLU D 248 -1.68 19.19 -4.12
CA GLU D 248 -0.88 20.38 -4.44
C GLU D 248 0.59 20.13 -4.10
N VAL D 249 0.85 19.61 -2.90
CA VAL D 249 2.23 19.33 -2.50
C VAL D 249 2.82 18.21 -3.34
N LYS D 250 2.04 17.15 -3.58
CA LYS D 250 2.50 16.04 -4.41
C LYS D 250 2.88 16.52 -5.80
N ALA D 251 2.05 17.37 -6.40
CA ALA D 251 2.35 17.91 -7.72
C ALA D 251 3.58 18.82 -7.68
N ALA D 252 3.70 19.65 -6.63
CA ALA D 252 4.82 20.59 -6.55
C ALA D 252 6.15 19.86 -6.39
N GLN D 253 6.19 18.84 -5.54
CA GLN D 253 7.43 18.09 -5.36
C GLN D 253 7.77 17.30 -6.62
N GLN D 254 6.74 16.81 -7.32
CA GLN D 254 6.97 16.10 -8.57
C GLN D 254 7.48 17.04 -9.66
N ALA D 255 7.04 18.29 -9.65
CA ALA D 255 7.54 19.29 -10.59
C ALA D 255 8.89 19.90 -10.17
N GLY D 256 9.45 19.48 -9.04
CA GLY D 256 10.73 20.00 -8.62
C GLY D 256 10.68 21.43 -8.11
N LEU D 257 9.54 21.86 -7.57
CA LEU D 257 9.42 23.20 -7.01
C LEU D 257 10.10 23.20 -5.64
N LYS D 258 11.31 23.72 -5.61
CA LYS D 258 12.17 23.83 -4.44
CA LYS D 258 12.10 23.78 -4.39
C LYS D 258 11.76 25.03 -3.59
N PRO D 259 11.91 24.96 -2.26
CA PRO D 259 11.57 26.13 -1.43
C PRO D 259 12.34 27.38 -1.86
N ALA D 260 11.67 28.52 -1.78
CA ALA D 260 12.27 29.82 -2.05
C ALA D 260 12.77 30.49 -0.78
N GLU D 261 13.26 29.71 0.16
CA GLU D 261 13.81 30.20 1.41
C GLU D 261 15.24 29.70 1.53
N ASP D 262 16.03 30.39 2.34
CA ASP D 262 17.40 29.97 2.58
C ASP D 262 17.34 28.81 3.58
N CYS D 263 17.14 27.60 3.05
CA CYS D 263 16.99 26.44 3.91
C CYS D 263 18.31 26.07 4.57
N ALA D 264 19.44 26.36 3.93
CA ALA D 264 20.73 26.20 4.56
C ALA D 264 20.81 27.04 5.83
N ALA D 265 20.44 28.31 5.74
CA ALA D 265 20.53 29.20 6.90
C ALA D 265 19.58 28.77 8.01
N GLU D 266 18.38 28.30 7.65
CA GLU D 266 17.47 27.82 8.68
C GLU D 266 18.01 26.56 9.35
N GLY D 267 18.63 25.68 8.56
CA GLY D 267 19.23 24.48 9.13
C GLY D 267 20.32 24.81 10.14
N VAL D 268 21.20 25.75 9.79
CA VAL D 268 22.24 26.17 10.73
C VAL D 268 21.63 26.77 11.98
N ALA D 269 20.65 27.66 11.80
CA ALA D 269 20.03 28.34 12.94
C ALA D 269 19.37 27.34 13.88
N LEU D 270 18.80 26.26 13.36
CA LEU D 270 18.12 25.31 14.24
C LEU D 270 19.10 24.44 15.00
N GLY D 271 20.29 24.18 14.46
CA GLY D 271 21.25 23.35 15.15
C GLY D 271 21.02 21.86 15.09
N LEU D 272 20.34 21.37 14.04
CA LEU D 272 20.09 19.93 13.89
C LEU D 272 19.59 19.61 12.49
C ACT E . -0.36 10.24 -34.57
O ACT E . 0.83 10.05 -34.91
OXT ACT E . -0.76 10.59 -33.44
CH3 ACT E . -1.42 10.04 -35.67
C1 EDO F . -13.12 -15.87 -8.74
O1 EDO F . -12.44 -15.96 -7.50
C2 EDO F . -12.61 -16.94 -9.68
O2 EDO F . -11.25 -16.75 -9.97
C1 EDO G . 16.73 -10.50 -1.40
O1 EDO G . 17.28 -11.67 -1.93
C2 EDO G . 15.29 -10.74 -1.00
O2 EDO G . 15.23 -11.22 0.33
C1 GOL H . 4.82 -9.41 -31.60
O1 GOL H . 3.55 -9.99 -31.39
C2 GOL H . 5.69 -9.69 -30.39
O2 GOL H . 6.92 -10.20 -30.83
C3 GOL H . 5.90 -8.42 -29.56
O3 GOL H . 6.61 -7.48 -30.33
C1 GOL I . -3.15 -24.42 -2.75
O1 GOL I . -3.12 -23.02 -2.54
C2 GOL I . -2.84 -25.15 -1.46
O2 GOL I . -4.02 -25.78 -0.98
C3 GOL I . -1.74 -26.17 -1.70
O3 GOL I . -0.55 -25.60 -1.18
C1 PEG J . 9.00 -3.20 3.04
O1 PEG J . 9.89 -2.28 2.42
C2 PEG J . 7.62 -2.62 3.06
O2 PEG J . 6.85 -3.14 2.01
C3 PEG J . 5.89 -2.24 1.52
C4 PEG J . 4.95 -1.81 2.61
O4 PEG J . 4.30 -0.62 2.23
C1 PEG K . 12.46 -14.53 5.37
O1 PEG K . 12.19 -13.88 6.59
C2 PEG K . 12.37 -13.56 4.23
O2 PEG K . 12.21 -14.23 3.00
C3 PEG K . 13.24 -15.18 2.78
C4 PEG K . 12.88 -16.06 1.60
O4 PEG K . 13.80 -17.13 1.51
S SO4 L . 9.17 -2.46 -20.41
O1 SO4 L . 9.72 -1.10 -20.14
O2 SO4 L . 7.70 -2.37 -20.65
O3 SO4 L . 9.84 -3.03 -21.64
O4 SO4 L . 9.46 -3.36 -19.25
S SO4 M . 16.01 -15.87 -23.74
O1 SO4 M . 17.25 -15.02 -23.80
O2 SO4 M . 15.22 -15.54 -22.52
O3 SO4 M . 15.18 -15.60 -24.96
O4 SO4 M . 16.41 -17.32 -23.73
C ACT N . -12.57 0.91 33.78
O ACT N . -12.42 -0.27 33.39
OXT ACT N . -12.22 1.94 33.18
CH3 ACT N . -13.26 1.09 35.14
C1 EDO O . -16.86 19.57 22.92
O1 EDO O . -15.49 19.62 22.54
C2 EDO O . -17.43 18.20 22.65
O2 EDO O . -16.97 17.29 23.64
C1 GOL P . 19.09 19.54 25.65
O1 GOL P . 19.71 19.06 26.84
C2 GOL P . 18.07 18.53 25.18
O2 GOL P . 16.80 18.87 25.68
C3 GOL P . 18.06 18.44 23.65
O3 GOL P . 18.74 17.26 23.29
C ACT Q . 17.26 0.49 34.77
O ACT Q . 18.02 1.37 35.23
OXT ACT Q . 16.36 0.65 33.91
CH3 ACT Q . 17.44 -0.94 35.32
C1 GOL R . 11.86 15.02 29.00
O1 GOL R . 12.41 16.07 28.25
C2 GOL R . 11.62 13.82 28.11
O2 GOL R . 12.78 13.57 27.33
C3 GOL R . 11.27 12.61 28.95
O3 GOL R . 11.95 12.71 30.18
S SO4 S . 5.29 3.04 30.76
O1 SO4 S . 6.71 3.26 30.33
O2 SO4 S . 4.78 4.24 31.48
O3 SO4 S . 4.47 2.81 29.54
O4 SO4 S . 5.21 1.86 31.68
S SO4 T . 12.10 5.38 17.09
O1 SO4 T . 12.30 5.70 15.64
O2 SO4 T . 12.53 6.55 17.92
O3 SO4 T . 10.66 5.09 17.35
O4 SO4 T . 12.93 4.19 17.46
C1 EDO U . 13.67 -27.13 -22.27
O1 EDO U . 13.36 -27.32 -23.63
C2 EDO U . 14.62 -25.97 -22.12
O2 EDO U . 13.90 -24.78 -21.95
C1 GOL V . -15.16 -22.70 -50.50
O1 GOL V . -16.01 -23.41 -49.63
C2 GOL V . -13.94 -22.24 -49.72
O2 GOL V . -13.14 -23.36 -49.42
C3 GOL V . -13.19 -21.19 -50.53
O3 GOL V . -14.13 -20.24 -50.97
C1 EDO W . -0.34 -36.99 -34.52
O1 EDO W . -1.44 -36.90 -33.65
C2 EDO W . 0.64 -35.89 -34.22
O2 EDO W . -0.07 -34.72 -33.85
C1 EDO X . 7.50 -32.11 -32.86
O1 EDO X . 7.91 -33.44 -32.68
C2 EDO X . 6.98 -31.55 -31.56
O2 EDO X . 8.06 -31.18 -30.72
C1 EDO Y . -6.13 -43.91 -12.56
O1 EDO Y . -4.80 -44.24 -12.21
C2 EDO Y . -6.47 -42.54 -12.05
O2 EDO Y . -5.70 -41.57 -12.73
C1 GOL Z . -11.08 -11.96 -28.06
O1 GOL Z . -11.68 -11.93 -29.33
C2 GOL Z . -11.22 -10.59 -27.41
O2 GOL Z . -11.13 -10.74 -26.01
C3 GOL Z . -10.19 -9.63 -27.96
O3 GOL Z . -9.48 -9.07 -26.87
S SO4 AA . -12.50 -23.07 -30.48
O1 SO4 AA . -11.20 -22.64 -31.09
O2 SO4 AA . -13.27 -21.89 -29.99
O3 SO4 AA . -13.28 -23.80 -31.53
O4 SO4 AA . -12.24 -23.96 -29.32
S SO4 BA . -16.43 -17.57 -16.91
O1 SO4 BA . -16.35 -16.23 -17.57
O2 SO4 BA . -16.40 -17.41 -15.43
O3 SO4 BA . -17.72 -18.23 -17.33
O4 SO4 BA . -15.27 -18.42 -17.35
C1 EDO CA . 14.97 22.45 7.43
O1 EDO CA . 15.45 23.58 8.13
C2 EDO CA . 14.28 21.52 8.40
O2 EDO CA . 13.96 20.32 7.72
S SO4 DA . 2.23 33.21 22.32
O1 SO4 DA . 3.41 32.30 22.21
O2 SO4 DA . 2.68 34.64 22.29
O3 SO4 DA . 1.30 32.95 21.17
O4 SO4 DA . 1.50 32.92 23.60
#